data_5D4B
#
_entry.id   5D4B
#
_cell.length_a   56.730
_cell.length_b   71.450
_cell.length_c   198.170
_cell.angle_alpha   90.00
_cell.angle_beta   90.00
_cell.angle_gamma   90.00
#
_symmetry.space_group_name_H-M   'P 21 21 21'
#
loop_
_entity.id
_entity.type
_entity.pdbx_description
1 polymer 'Terminal deoxynucleotidyltransferase'
2 polymer "DNA (5'-D(*AP*AP*AP*AP*AP*C)-3')"
3 polymer "DNA (5'-D(*TP*TP*TP*TP*TP*GP*G)-3')"
4 non-polymer 'MAGNESIUM ION'
5 non-polymer 'SODIUM ION'
6 non-polymer 'SULFATE ION'
7 water water
#
loop_
_entity_poly.entity_id
_entity_poly.type
_entity_poly.pdbx_seq_one_letter_code
_entity_poly.pdbx_strand_id
1 'polypeptide(L)'
;MGSSHHHHHHSSGLVPRGSHMSPSPVPGSQNVPAPAVKKISQYACQRRTTLNNYNQLFTDALDILAENDELRENEGSCLA
FMRASSVLKSLPFPITSMKDTEGIPCLGDKVKSIIEGIIEDGESSEAKAVLNDERYKSFKLFTSVFGVGLKTAEKWFRMG
FRTLSKIQSDKSLRFTQMQKAGFLYYEDLVSCVNRPEAEAVSMLVKEAVVTFLPDALVTMTGGFRRGKMTGHDVDFLITS
PEATEDEEQQLLHKVTDFWKQQGLLLYCDILESTFEKFKQPSRKVDALDHFQKCFLILKLDHGRVHSEKSGQQEGKGWKA
IRVDLVMCPYDRRAFALLGWTGSRQFERDLRRYATHERKMMLDNHALYDRTKRVFLEAESEEEIFAHLGLDYIEPWERNA
;
A,B
2 'polydeoxyribonucleotide' (DA)(DA)(DA)(DA)(DA)(DC) C,D,E
3 'polydeoxyribonucleotide' (DT)(DT)(DT)(DT)(DT)(DG)(DG) F
#
loop_
_chem_comp.id
_chem_comp.type
_chem_comp.name
_chem_comp.formula
DA DNA linking 2'-DEOXYADENOSINE-5'-MONOPHOSPHATE 'C10 H14 N5 O6 P'
DC DNA linking 2'-DEOXYCYTIDINE-5'-MONOPHOSPHATE 'C9 H14 N3 O7 P'
DG DNA linking 2'-DEOXYGUANOSINE-5'-MONOPHOSPHATE 'C10 H14 N5 O7 P'
DT DNA linking THYMIDINE-5'-MONOPHOSPHATE 'C10 H15 N2 O8 P'
MG non-polymer 'MAGNESIUM ION' 'Mg 2'
NA non-polymer 'SODIUM ION' 'Na 1'
SO4 non-polymer 'SULFATE ION' 'O4 S -2'
#
# COMPACT_ATOMS: atom_id res chain seq x y z
N LYS A 39 -18.44 -9.88 -7.14
CA LYS A 39 -17.29 -9.52 -6.32
C LYS A 39 -17.59 -8.31 -5.42
N ILE A 40 -17.24 -8.42 -4.11
CA ILE A 40 -17.43 -7.37 -3.10
C ILE A 40 -16.21 -6.45 -3.02
N SER A 41 -16.43 -5.14 -3.12
CA SER A 41 -15.40 -4.12 -3.03
C SER A 41 -14.93 -3.90 -1.58
N GLN A 42 -13.66 -3.51 -1.43
CA GLN A 42 -13.00 -3.16 -0.18
C GLN A 42 -13.36 -1.72 0.25
N TYR A 43 -13.96 -0.94 -0.68
CA TYR A 43 -14.40 0.43 -0.48
C TYR A 43 -15.89 0.48 -0.24
N ALA A 44 -16.29 1.11 0.87
CA ALA A 44 -17.67 1.30 1.30
C ALA A 44 -18.49 2.06 0.27
N CYS A 45 -17.85 2.98 -0.48
CA CYS A 45 -18.48 3.80 -1.54
C CYS A 45 -18.88 2.98 -2.81
N GLN A 46 -18.46 1.71 -2.92
CA GLN A 46 -18.78 0.80 -4.03
C GLN A 46 -19.67 -0.36 -3.50
N ARG A 47 -20.25 -0.18 -2.33
CA ARG A 47 -21.14 -1.15 -1.71
C ARG A 47 -22.43 -0.42 -1.32
N ARG A 48 -23.50 -1.19 -1.07
CA ARG A 48 -24.77 -0.67 -0.58
C ARG A 48 -24.85 -1.20 0.85
N THR A 49 -24.90 -0.28 1.83
CA THR A 49 -24.98 -0.62 3.24
C THR A 49 -26.22 0.06 3.81
N THR A 50 -27.31 -0.70 3.92
CA THR A 50 -28.56 -0.22 4.50
C THR A 50 -28.53 -0.41 6.00
N LEU A 51 -29.67 -0.21 6.67
CA LEU A 51 -29.73 -0.36 8.11
C LEU A 51 -30.04 -1.79 8.55
N ASN A 52 -30.14 -2.73 7.57
CA ASN A 52 -30.35 -4.15 7.79
C ASN A 52 -29.03 -4.86 7.91
N ASN A 53 -28.66 -5.19 9.15
CA ASN A 53 -27.41 -5.84 9.44
C ASN A 53 -27.67 -7.26 9.94
N TYR A 54 -27.15 -8.26 9.19
CA TYR A 54 -27.31 -9.68 9.49
C TYR A 54 -26.24 -10.25 10.35
N ASN A 55 -25.23 -9.41 10.61
CA ASN A 55 -24.05 -9.84 11.32
C ASN A 55 -23.75 -8.99 12.52
N GLN A 56 -24.81 -8.50 13.21
CA GLN A 56 -24.65 -7.61 14.37
C GLN A 56 -23.84 -8.21 15.53
N LEU A 57 -23.88 -9.54 15.74
CA LEU A 57 -23.09 -10.20 16.78
C LEU A 57 -21.59 -10.09 16.47
N PHE A 58 -21.25 -10.12 15.17
CA PHE A 58 -19.89 -9.97 14.67
C PHE A 58 -19.43 -8.51 14.67
N THR A 59 -20.30 -7.57 14.21
CA THR A 59 -19.92 -6.16 14.09
C THR A 59 -19.85 -5.50 15.46
N ASP A 60 -20.66 -5.95 16.44
CA ASP A 60 -20.58 -5.43 17.81
C ASP A 60 -19.23 -5.70 18.41
N ALA A 61 -18.72 -6.94 18.26
CA ALA A 61 -17.41 -7.37 18.75
C ALA A 61 -16.28 -6.54 18.08
N LEU A 62 -16.35 -6.35 16.74
CA LEU A 62 -15.36 -5.60 15.97
C LEU A 62 -15.39 -4.13 16.28
N ASP A 63 -16.60 -3.62 16.63
CA ASP A 63 -16.80 -2.22 17.02
C ASP A 63 -16.19 -1.97 18.37
N ILE A 64 -16.21 -3.00 19.29
CA ILE A 64 -15.62 -2.86 20.62
C ILE A 64 -14.11 -2.85 20.51
N LEU A 65 -13.56 -3.82 19.73
CA LEU A 65 -12.12 -3.96 19.52
C LEU A 65 -11.54 -2.71 18.85
N ALA A 66 -12.31 -2.08 17.91
CA ALA A 66 -11.92 -0.84 17.20
C ALA A 66 -11.85 0.31 18.19
N GLU A 67 -12.86 0.43 19.07
CA GLU A 67 -12.98 1.44 20.12
C GLU A 67 -11.82 1.31 21.10
N ASN A 68 -11.38 0.06 21.38
CA ASN A 68 -10.27 -0.24 22.27
C ASN A 68 -8.95 0.19 21.67
N ASP A 69 -8.80 0.03 20.34
CA ASP A 69 -7.58 0.46 19.67
C ASP A 69 -7.58 1.95 19.41
N GLU A 70 -8.78 2.58 19.31
CA GLU A 70 -8.92 4.04 19.12
C GLU A 70 -8.55 4.78 20.40
N LEU A 71 -8.83 4.15 21.58
CA LEU A 71 -8.54 4.72 22.89
C LEU A 71 -7.06 4.56 23.24
N ARG A 72 -6.47 3.44 22.83
CA ARG A 72 -5.07 3.16 23.09
C ARG A 72 -4.21 3.75 22.00
N GLU A 73 -4.84 4.54 21.03
CA GLU A 73 -4.18 5.14 19.84
C GLU A 73 -3.38 3.97 19.27
N ASN A 74 -3.66 3.56 18.07
CA ASN A 74 -3.05 2.37 17.51
C ASN A 74 -3.45 2.34 16.11
N GLU A 75 -4.00 3.48 15.60
CA GLU A 75 -4.45 3.77 14.25
C GLU A 75 -4.57 2.58 13.28
N GLY A 76 -3.47 1.84 13.05
CA GLY A 76 -3.42 0.63 12.22
C GLY A 76 -4.50 -0.41 12.51
N SER A 77 -4.54 -0.95 13.76
CA SER A 77 -5.47 -2.02 14.16
C SER A 77 -6.90 -1.53 14.17
N CYS A 78 -7.06 -0.30 14.70
CA CYS A 78 -8.32 0.41 14.85
C CYS A 78 -9.02 0.54 13.50
N LEU A 79 -8.27 0.96 12.45
CA LEU A 79 -8.76 1.16 11.09
C LEU A 79 -9.17 -0.15 10.40
N ALA A 80 -8.42 -1.24 10.66
CA ALA A 80 -8.65 -2.56 10.10
C ALA A 80 -9.91 -3.21 10.67
N PHE A 81 -10.24 -2.94 11.95
CA PHE A 81 -11.43 -3.45 12.63
C PHE A 81 -12.69 -2.74 12.14
N MET A 82 -12.60 -1.40 11.93
CA MET A 82 -13.71 -0.57 11.42
C MET A 82 -14.06 -0.98 9.99
N ARG A 83 -13.02 -1.28 9.17
CA ARG A 83 -13.17 -1.73 7.78
C ARG A 83 -13.79 -3.11 7.76
N ALA A 84 -13.36 -4.01 8.67
CA ALA A 84 -13.91 -5.37 8.77
C ALA A 84 -15.39 -5.30 9.17
N SER A 85 -15.67 -4.61 10.29
CA SER A 85 -17.03 -4.36 10.79
C SER A 85 -17.90 -3.75 9.69
N SER A 86 -17.36 -2.78 8.90
CA SER A 86 -18.06 -2.11 7.81
C SER A 86 -18.42 -3.04 6.64
N VAL A 87 -17.49 -3.90 6.19
CA VAL A 87 -17.77 -4.84 5.11
C VAL A 87 -18.87 -5.83 5.58
N LEU A 88 -18.84 -6.28 6.87
CA LEU A 88 -19.84 -7.19 7.40
C LEU A 88 -21.26 -6.60 7.41
N LYS A 89 -21.39 -5.29 7.71
CA LYS A 89 -22.67 -4.57 7.70
C LYS A 89 -23.29 -4.54 6.27
N SER A 90 -22.44 -4.53 5.21
CA SER A 90 -22.87 -4.47 3.79
C SER A 90 -23.45 -5.78 3.25
N LEU A 91 -23.06 -6.92 3.87
CA LEU A 91 -23.45 -8.27 3.46
C LEU A 91 -24.95 -8.49 3.42
N PRO A 92 -25.44 -9.15 2.34
CA PRO A 92 -26.88 -9.42 2.24
C PRO A 92 -27.28 -10.77 2.86
N PHE A 93 -26.41 -11.33 3.72
CA PHE A 93 -26.59 -12.65 4.35
C PHE A 93 -25.79 -12.75 5.66
N PRO A 94 -26.19 -13.61 6.63
CA PRO A 94 -25.37 -13.78 7.85
C PRO A 94 -24.22 -14.79 7.67
N ILE A 95 -23.14 -14.62 8.45
CA ILE A 95 -21.99 -15.53 8.46
C ILE A 95 -22.32 -16.66 9.43
N THR A 96 -22.39 -17.90 8.91
CA THR A 96 -22.73 -19.10 9.70
C THR A 96 -21.57 -20.11 9.73
N SER A 97 -20.64 -20.00 8.76
CA SER A 97 -19.42 -20.84 8.66
C SER A 97 -18.25 -20.03 8.14
N MET A 98 -17.01 -20.56 8.27
CA MET A 98 -15.80 -19.89 7.80
C MET A 98 -15.72 -19.80 6.28
N LYS A 99 -16.47 -20.62 5.57
CA LYS A 99 -16.55 -20.59 4.11
C LYS A 99 -17.29 -19.32 3.72
N ASP A 100 -18.20 -18.84 4.62
CA ASP A 100 -18.96 -17.62 4.40
C ASP A 100 -18.09 -16.36 4.32
N THR A 101 -16.81 -16.45 4.74
CA THR A 101 -15.86 -15.34 4.74
C THR A 101 -15.02 -15.32 3.49
N GLU A 102 -14.99 -16.46 2.74
CA GLU A 102 -14.18 -16.59 1.52
C GLU A 102 -14.60 -15.57 0.48
N GLY A 103 -13.62 -14.82 -0.05
CA GLY A 103 -13.81 -13.80 -1.07
C GLY A 103 -14.16 -12.42 -0.56
N ILE A 104 -14.48 -12.31 0.74
CA ILE A 104 -14.84 -11.03 1.38
C ILE A 104 -13.56 -10.27 1.76
N PRO A 105 -13.36 -9.06 1.17
CA PRO A 105 -12.14 -8.32 1.48
C PRO A 105 -12.12 -7.81 2.91
N CYS A 106 -10.95 -7.35 3.39
CA CYS A 106 -10.89 -6.73 4.69
C CYS A 106 -10.74 -7.69 5.84
N LEU A 107 -10.93 -9.00 5.60
CA LEU A 107 -10.87 -9.97 6.67
C LEU A 107 -9.57 -10.73 6.55
N GLY A 108 -8.69 -10.52 7.53
CA GLY A 108 -7.40 -11.18 7.58
C GLY A 108 -7.39 -12.28 8.62
N ASP A 109 -6.18 -12.72 9.03
CA ASP A 109 -6.02 -13.81 9.99
C ASP A 109 -6.60 -13.53 11.37
N LYS A 110 -6.56 -12.26 11.84
CA LYS A 110 -7.10 -11.91 13.16
C LYS A 110 -8.62 -11.83 13.14
N VAL A 111 -9.21 -11.11 12.17
CA VAL A 111 -10.66 -10.94 12.02
C VAL A 111 -11.33 -12.29 11.87
N LYS A 112 -10.76 -13.17 11.01
CA LYS A 112 -11.23 -14.54 10.82
C LYS A 112 -11.17 -15.34 12.14
N SER A 113 -10.15 -15.09 12.99
CA SER A 113 -10.01 -15.76 14.30
C SER A 113 -11.15 -15.35 15.25
N ILE A 114 -11.56 -14.06 15.21
CA ILE A 114 -12.65 -13.52 16.03
C ILE A 114 -14.00 -14.05 15.47
N ILE A 115 -14.13 -14.15 14.14
CA ILE A 115 -15.33 -14.69 13.50
C ILE A 115 -15.49 -16.17 13.89
N GLU A 116 -14.38 -16.96 13.85
CA GLU A 116 -14.34 -18.37 14.22
C GLU A 116 -14.67 -18.61 15.71
N GLY A 117 -14.31 -17.65 16.56
CA GLY A 117 -14.59 -17.66 17.99
C GLY A 117 -16.05 -17.44 18.31
N ILE A 118 -16.71 -16.53 17.55
CA ILE A 118 -18.14 -16.19 17.66
C ILE A 118 -18.99 -17.34 17.11
N ILE A 119 -18.57 -17.97 16.00
CA ILE A 119 -19.31 -19.10 15.42
C ILE A 119 -19.39 -20.25 16.44
N GLU A 120 -18.26 -20.58 17.10
CA GLU A 120 -18.15 -21.65 18.08
C GLU A 120 -18.95 -21.41 19.38
N ASP A 121 -18.50 -20.47 20.25
CA ASP A 121 -19.11 -20.18 21.55
C ASP A 121 -20.31 -19.22 21.52
N GLY A 122 -20.52 -18.53 20.40
CA GLY A 122 -21.61 -17.57 20.26
C GLY A 122 -21.32 -16.17 20.80
N GLU A 123 -20.09 -15.96 21.31
CA GLU A 123 -19.60 -14.72 21.89
C GLU A 123 -18.12 -14.50 21.55
N SER A 124 -17.60 -13.27 21.78
CA SER A 124 -16.18 -12.95 21.54
C SER A 124 -15.47 -12.89 22.87
N SER A 125 -14.47 -13.75 23.10
CA SER A 125 -13.70 -13.71 24.33
C SER A 125 -12.80 -12.46 24.32
N GLU A 126 -12.31 -12.07 23.13
CA GLU A 126 -11.50 -10.87 22.89
C GLU A 126 -12.26 -9.57 23.24
N ALA A 127 -13.53 -9.42 22.78
CA ALA A 127 -14.32 -8.22 23.07
C ALA A 127 -14.92 -8.23 24.47
N LYS A 128 -15.27 -9.43 25.02
CA LYS A 128 -15.79 -9.57 26.39
C LYS A 128 -14.73 -9.10 27.38
N ALA A 129 -13.43 -9.34 27.05
CA ALA A 129 -12.26 -8.96 27.84
C ALA A 129 -12.19 -7.45 27.93
N VAL A 130 -12.40 -6.78 26.77
CA VAL A 130 -12.38 -5.32 26.61
C VAL A 130 -13.54 -4.68 27.39
N LEU A 131 -14.73 -5.31 27.37
CA LEU A 131 -15.91 -4.83 28.08
C LEU A 131 -15.75 -4.86 29.61
N ASN A 132 -14.95 -5.81 30.12
CA ASN A 132 -14.67 -5.96 31.56
C ASN A 132 -13.44 -5.14 31.97
N ASP A 133 -12.66 -4.65 30.98
CA ASP A 133 -11.46 -3.84 31.19
C ASP A 133 -11.82 -2.43 31.66
N GLU A 134 -11.24 -2.03 32.79
CA GLU A 134 -11.48 -0.75 33.46
C GLU A 134 -11.09 0.46 32.61
N ARG A 135 -9.99 0.37 31.83
CA ARG A 135 -9.55 1.46 30.94
C ARG A 135 -10.60 1.73 29.83
N TYR A 136 -11.24 0.68 29.29
CA TYR A 136 -12.28 0.84 28.29
C TYR A 136 -13.60 1.35 28.94
N LYS A 137 -14.09 0.68 30.00
CA LYS A 137 -15.32 1.09 30.71
C LYS A 137 -15.29 2.56 31.04
N SER A 138 -14.16 3.03 31.59
CA SER A 138 -13.91 4.40 31.99
C SER A 138 -13.86 5.34 30.80
N PHE A 139 -13.21 4.93 29.70
CA PHE A 139 -13.10 5.72 28.47
C PHE A 139 -14.49 5.91 27.87
N LYS A 140 -15.25 4.81 27.72
CA LYS A 140 -16.61 4.81 27.19
C LYS A 140 -17.55 5.72 28.02
N LEU A 141 -17.41 5.67 29.34
CA LEU A 141 -18.19 6.46 30.29
C LEU A 141 -17.82 7.94 30.28
N PHE A 142 -16.51 8.26 30.31
CA PHE A 142 -16.04 9.64 30.36
C PHE A 142 -16.25 10.39 29.04
N THR A 143 -15.96 9.75 27.88
CA THR A 143 -16.17 10.38 26.55
C THR A 143 -17.64 10.54 26.23
N SER A 144 -18.53 9.80 26.95
CA SER A 144 -19.98 9.93 26.76
C SER A 144 -20.49 11.31 27.24
N VAL A 145 -19.62 12.12 27.92
CA VAL A 145 -19.93 13.47 28.39
C VAL A 145 -19.55 14.45 27.28
N PHE A 146 -20.44 15.41 26.99
CA PHE A 146 -20.23 16.41 25.97
C PHE A 146 -19.18 17.43 26.41
N GLY A 147 -18.04 17.39 25.74
CA GLY A 147 -16.89 18.24 26.06
C GLY A 147 -15.70 17.45 26.60
N VAL A 148 -15.88 16.15 26.81
CA VAL A 148 -14.81 15.27 27.26
C VAL A 148 -14.42 14.35 26.09
N GLY A 149 -13.18 14.47 25.64
CA GLY A 149 -12.59 13.63 24.59
C GLY A 149 -11.56 12.69 25.19
N LEU A 150 -10.75 12.06 24.31
CA LEU A 150 -9.73 11.10 24.67
C LEU A 150 -8.71 11.62 25.70
N LYS A 151 -8.24 12.88 25.57
CA LYS A 151 -7.23 13.44 26.47
C LYS A 151 -7.73 13.63 27.92
N THR A 152 -8.96 14.12 28.11
CA THR A 152 -9.54 14.33 29.44
C THR A 152 -9.90 12.99 30.09
N ALA A 153 -10.44 12.05 29.29
CA ALA A 153 -10.85 10.72 29.73
C ALA A 153 -9.67 9.95 30.30
N GLU A 154 -8.49 10.06 29.65
CA GLU A 154 -7.22 9.43 30.06
C GLU A 154 -6.65 10.13 31.30
N LYS A 155 -6.63 11.47 31.31
CA LYS A 155 -6.17 12.29 32.45
C LYS A 155 -6.96 11.88 33.70
N TRP A 156 -8.30 11.75 33.59
CA TRP A 156 -9.20 11.35 34.68
C TRP A 156 -8.99 9.90 35.15
N PHE A 157 -8.82 8.97 34.20
CA PHE A 157 -8.58 7.56 34.48
C PHE A 157 -7.28 7.37 35.27
N ARG A 158 -6.25 8.16 34.95
CA ARG A 158 -4.95 8.11 35.61
C ARG A 158 -4.98 8.79 36.98
N MET A 159 -5.97 9.67 37.22
CA MET A 159 -6.17 10.36 38.49
C MET A 159 -6.96 9.47 39.48
N GLY A 160 -7.24 8.23 39.05
CA GLY A 160 -7.95 7.21 39.80
C GLY A 160 -9.46 7.26 39.74
N PHE A 161 -10.04 8.08 38.83
CA PHE A 161 -11.49 8.19 38.69
C PHE A 161 -12.08 7.05 37.86
N ARG A 162 -13.29 6.57 38.27
CA ARG A 162 -13.98 5.47 37.58
C ARG A 162 -15.47 5.73 37.31
N THR A 163 -16.04 6.73 37.99
CA THR A 163 -17.46 7.09 37.85
C THR A 163 -17.62 8.59 37.64
N LEU A 164 -18.75 9.00 37.05
CA LEU A 164 -19.08 10.40 36.80
C LEU A 164 -19.48 11.13 38.09
N SER A 165 -19.92 10.36 39.12
CA SER A 165 -20.32 10.86 40.43
C SER A 165 -19.10 11.43 41.15
N LYS A 166 -18.00 10.63 41.26
CA LYS A 166 -16.73 11.01 41.90
C LYS A 166 -16.09 12.23 41.23
N ILE A 167 -16.23 12.35 39.87
CA ILE A 167 -15.72 13.47 39.06
C ILE A 167 -16.42 14.77 39.43
N GLN A 168 -17.76 14.74 39.51
CA GLN A 168 -18.58 15.91 39.87
C GLN A 168 -18.41 16.32 41.33
N SER A 169 -18.25 15.34 42.24
CA SER A 169 -18.01 15.56 43.67
C SER A 169 -16.62 16.16 43.94
N ASP A 170 -15.59 15.76 43.13
CA ASP A 170 -14.21 16.23 43.26
C ASP A 170 -14.08 17.75 43.29
N LYS A 171 -13.59 18.26 44.44
CA LYS A 171 -13.44 19.68 44.76
C LYS A 171 -12.29 20.36 44.01
N SER A 172 -11.35 19.56 43.48
CA SER A 172 -10.15 20.05 42.80
C SER A 172 -10.29 20.24 41.31
N LEU A 173 -11.07 19.39 40.63
CA LEU A 173 -11.28 19.48 39.18
C LEU A 173 -11.95 20.78 38.76
N ARG A 174 -11.52 21.32 37.61
CA ARG A 174 -12.06 22.56 37.01
C ARG A 174 -12.55 22.25 35.59
N PHE A 175 -13.87 22.36 35.35
CA PHE A 175 -14.44 22.02 34.05
C PHE A 175 -14.61 23.19 33.10
N THR A 176 -14.49 22.89 31.80
CA THR A 176 -14.66 23.83 30.69
C THR A 176 -16.16 24.16 30.58
N GLN A 177 -16.49 25.31 29.95
CA GLN A 177 -17.91 25.72 29.76
C GLN A 177 -18.70 24.65 29.03
N MET A 178 -17.99 23.88 28.16
CA MET A 178 -18.55 22.78 27.39
C MET A 178 -18.88 21.56 28.29
N GLN A 179 -17.94 21.16 29.17
CA GLN A 179 -18.12 20.04 30.10
C GLN A 179 -19.20 20.34 31.14
N LYS A 180 -19.32 21.61 31.55
CA LYS A 180 -20.35 22.06 32.50
C LYS A 180 -21.75 21.84 31.85
N ALA A 181 -21.91 22.19 30.56
CA ALA A 181 -23.13 21.95 29.78
C ALA A 181 -23.37 20.43 29.66
N GLY A 182 -22.32 19.68 29.28
CA GLY A 182 -22.34 18.23 29.13
C GLY A 182 -22.82 17.45 30.35
N PHE A 183 -22.47 17.94 31.57
CA PHE A 183 -22.89 17.30 32.83
C PHE A 183 -24.29 17.73 33.24
N LEU A 184 -24.61 19.02 33.04
CA LEU A 184 -25.89 19.65 33.35
C LEU A 184 -27.07 19.07 32.53
N TYR A 185 -26.81 18.60 31.29
CA TYR A 185 -27.82 18.03 30.38
C TYR A 185 -27.47 16.56 29.99
N TYR A 186 -26.64 15.90 30.81
CA TYR A 186 -26.16 14.53 30.61
C TYR A 186 -27.23 13.51 30.32
N GLU A 187 -28.26 13.42 31.18
CA GLU A 187 -29.32 12.42 31.04
C GLU A 187 -30.08 12.58 29.74
N ASP A 188 -30.30 13.84 29.30
CA ASP A 188 -30.97 14.20 28.04
C ASP A 188 -30.13 13.82 26.84
N LEU A 189 -28.81 14.09 26.90
CA LEU A 189 -27.90 13.82 25.79
C LEU A 189 -27.56 12.34 25.67
N VAL A 190 -27.37 11.63 26.80
CA VAL A 190 -27.04 10.19 26.80
C VAL A 190 -28.24 9.34 26.27
N SER A 191 -29.48 9.87 26.42
CA SER A 191 -30.69 9.21 25.92
C SER A 191 -30.95 9.74 24.50
N CYS A 192 -30.74 8.86 23.49
CA CYS A 192 -30.84 9.13 22.06
C CYS A 192 -32.07 9.93 21.64
N VAL A 193 -31.91 10.67 20.56
CA VAL A 193 -32.97 11.47 19.97
C VAL A 193 -33.59 10.69 18.83
N ASN A 194 -34.89 10.93 18.59
CA ASN A 194 -35.64 10.20 17.61
C ASN A 194 -36.18 11.08 16.49
N ARG A 195 -36.72 10.40 15.46
CA ARG A 195 -37.31 10.95 14.26
C ARG A 195 -38.42 12.00 14.52
N PRO A 196 -39.42 11.82 15.43
CA PRO A 196 -40.34 12.91 15.74
C PRO A 196 -39.60 14.14 16.32
N GLU A 197 -38.60 13.94 17.25
CA GLU A 197 -37.79 15.03 17.87
C GLU A 197 -36.87 15.72 16.87
N ALA A 198 -36.22 14.95 15.97
CA ALA A 198 -35.33 15.44 14.91
C ALA A 198 -36.15 16.28 13.93
N GLU A 199 -37.39 15.83 13.66
CA GLU A 199 -38.30 16.53 12.76
C GLU A 199 -38.80 17.81 13.39
N ALA A 200 -38.95 17.81 14.73
CA ALA A 200 -39.34 18.99 15.49
C ALA A 200 -38.19 20.00 15.53
N VAL A 201 -36.95 19.51 15.53
CA VAL A 201 -35.76 20.35 15.54
C VAL A 201 -35.59 20.99 14.15
N SER A 202 -35.81 20.20 13.08
CA SER A 202 -35.71 20.63 11.69
C SER A 202 -36.61 21.81 11.41
N MET A 203 -37.87 21.72 11.88
CA MET A 203 -38.88 22.77 11.73
C MET A 203 -38.44 24.03 12.42
N LEU A 204 -37.91 23.88 13.66
CA LEU A 204 -37.40 24.94 14.53
C LEU A 204 -36.22 25.67 13.88
N VAL A 205 -35.24 24.90 13.35
CA VAL A 205 -34.06 25.42 12.65
C VAL A 205 -34.50 26.20 11.42
N LYS A 206 -35.34 25.57 10.55
CA LYS A 206 -35.88 26.18 9.32
C LYS A 206 -36.55 27.51 9.59
N GLU A 207 -37.46 27.52 10.61
CA GLU A 207 -38.19 28.72 11.00
C GLU A 207 -37.30 29.88 11.43
N ALA A 208 -36.17 29.58 12.11
CA ALA A 208 -35.21 30.59 12.57
C ALA A 208 -34.44 31.18 11.41
N VAL A 209 -33.89 30.30 10.54
CA VAL A 209 -33.07 30.63 9.39
C VAL A 209 -33.82 31.52 8.36
N VAL A 210 -35.02 31.09 7.89
CA VAL A 210 -35.84 31.83 6.89
C VAL A 210 -36.30 33.21 7.41
N THR A 211 -36.17 33.46 8.73
CA THR A 211 -36.48 34.76 9.34
C THR A 211 -35.40 35.75 8.88
N PHE A 212 -34.14 35.29 8.86
CA PHE A 212 -32.99 36.08 8.45
C PHE A 212 -32.62 35.92 6.96
N LEU A 213 -32.80 34.72 6.39
CA LEU A 213 -32.51 34.44 4.98
C LEU A 213 -33.69 33.68 4.36
N PRO A 214 -34.66 34.40 3.75
CA PRO A 214 -35.86 33.72 3.19
C PRO A 214 -35.59 32.65 2.13
N ASP A 215 -34.57 32.87 1.29
CA ASP A 215 -34.18 31.98 0.18
C ASP A 215 -33.30 30.80 0.60
N ALA A 216 -32.91 30.74 1.88
CA ALA A 216 -32.04 29.71 2.43
C ALA A 216 -32.58 28.31 2.35
N LEU A 217 -31.68 27.39 1.98
CA LEU A 217 -31.91 25.97 1.87
C LEU A 217 -31.28 25.31 3.10
N VAL A 218 -32.11 24.69 3.91
CA VAL A 218 -31.72 23.99 5.13
C VAL A 218 -31.93 22.52 4.88
N THR A 219 -30.87 21.72 5.03
CA THR A 219 -30.91 20.27 4.80
C THR A 219 -30.44 19.53 6.04
N MET A 220 -31.27 18.60 6.52
CA MET A 220 -30.90 17.78 7.66
C MET A 220 -29.94 16.71 7.15
N THR A 221 -28.72 16.70 7.68
CA THR A 221 -27.69 15.75 7.27
C THR A 221 -27.52 14.67 8.33
N GLY A 222 -26.32 14.08 8.40
CA GLY A 222 -25.99 13.05 9.36
C GLY A 222 -26.77 11.76 9.18
N GLY A 223 -26.88 11.02 10.26
CA GLY A 223 -27.55 9.73 10.33
C GLY A 223 -29.03 9.75 10.00
N PHE A 224 -29.74 10.83 10.37
CA PHE A 224 -31.15 10.95 10.06
C PHE A 224 -31.37 10.99 8.56
N ARG A 225 -30.52 11.72 7.80
CA ARG A 225 -30.58 11.72 6.33
C ARG A 225 -30.25 10.31 5.76
N ARG A 226 -29.58 9.47 6.55
CA ARG A 226 -29.23 8.10 6.14
C ARG A 226 -30.32 7.12 6.54
N GLY A 227 -31.45 7.68 6.91
CA GLY A 227 -32.63 6.93 7.29
C GLY A 227 -32.63 6.37 8.69
N LYS A 228 -31.70 6.82 9.54
CA LYS A 228 -31.68 6.31 10.90
C LYS A 228 -32.91 6.73 11.68
N MET A 229 -33.28 5.90 12.65
CA MET A 229 -34.41 6.01 13.53
C MET A 229 -34.04 6.76 14.81
N THR A 230 -32.74 6.75 15.18
CA THR A 230 -32.22 7.37 16.40
C THR A 230 -30.83 7.92 16.15
N GLY A 231 -30.42 8.87 16.98
CA GLY A 231 -29.11 9.48 16.89
C GLY A 231 -28.78 10.30 18.11
N HIS A 232 -27.51 10.74 18.23
CA HIS A 232 -27.10 11.55 19.38
C HIS A 232 -27.35 13.00 19.16
N ASP A 233 -27.30 13.40 17.87
CA ASP A 233 -27.48 14.80 17.53
C ASP A 233 -28.25 14.88 16.21
N VAL A 234 -28.71 16.10 15.89
CA VAL A 234 -29.34 16.42 14.61
C VAL A 234 -28.40 17.39 13.92
N ASP A 235 -27.91 17.04 12.73
CA ASP A 235 -27.00 17.92 12.02
C ASP A 235 -27.76 18.60 10.88
N PHE A 236 -27.35 19.83 10.55
CA PHE A 236 -27.95 20.61 9.48
C PHE A 236 -26.93 21.28 8.61
N LEU A 237 -27.29 21.45 7.33
CA LEU A 237 -26.50 22.15 6.34
C LEU A 237 -27.35 23.32 5.86
N ILE A 238 -26.85 24.53 6.07
CA ILE A 238 -27.52 25.76 5.68
C ILE A 238 -26.70 26.42 4.58
N THR A 239 -27.36 26.78 3.49
CA THR A 239 -26.78 27.48 2.35
C THR A 239 -27.80 28.45 1.78
N SER A 240 -27.33 29.56 1.22
CA SER A 240 -28.22 30.55 0.64
C SER A 240 -27.68 31.09 -0.69
N PRO A 241 -28.41 30.88 -1.81
CA PRO A 241 -27.92 31.39 -3.11
C PRO A 241 -27.79 32.91 -3.21
N GLU A 242 -28.80 33.67 -2.71
CA GLU A 242 -28.88 35.13 -2.78
C GLU A 242 -28.15 35.89 -1.65
N ALA A 243 -27.54 35.19 -0.70
CA ALA A 243 -26.86 35.82 0.43
C ALA A 243 -25.54 36.49 0.08
N THR A 244 -25.27 37.63 0.74
CA THR A 244 -24.02 38.38 0.62
C THR A 244 -23.00 37.71 1.53
N GLU A 245 -21.69 38.01 1.36
CA GLU A 245 -20.62 37.42 2.19
C GLU A 245 -20.78 37.76 3.67
N ASP A 246 -21.27 38.99 3.97
CA ASP A 246 -21.54 39.46 5.33
C ASP A 246 -22.75 38.74 5.91
N GLU A 247 -23.77 38.47 5.06
CA GLU A 247 -25.00 37.77 5.45
C GLU A 247 -24.73 36.31 5.82
N GLU A 248 -23.78 35.64 5.10
CA GLU A 248 -23.40 34.24 5.36
C GLU A 248 -22.68 34.11 6.71
N GLN A 249 -21.75 35.02 7.01
CA GLN A 249 -20.97 35.04 8.24
C GLN A 249 -21.79 35.43 9.49
N GLN A 250 -22.74 36.35 9.33
CA GLN A 250 -23.54 36.83 10.46
C GLN A 250 -24.78 35.98 10.78
N LEU A 251 -25.11 34.96 9.94
CA LEU A 251 -26.32 34.13 10.13
C LEU A 251 -26.33 33.29 11.40
N LEU A 252 -25.27 32.51 11.68
CA LEU A 252 -25.27 31.66 12.87
C LEU A 252 -25.35 32.50 14.17
N HIS A 253 -24.89 33.75 14.15
CA HIS A 253 -24.96 34.66 15.28
C HIS A 253 -26.38 35.19 15.45
N LYS A 254 -27.06 35.53 14.34
CA LYS A 254 -28.44 36.02 14.30
C LYS A 254 -29.43 34.96 14.82
N VAL A 255 -29.24 33.70 14.37
CA VAL A 255 -30.05 32.54 14.72
C VAL A 255 -29.85 32.08 16.21
N THR A 256 -28.60 32.06 16.70
CA THR A 256 -28.30 31.68 18.08
C THR A 256 -28.76 32.74 19.07
N ASP A 257 -28.67 34.04 18.72
CA ASP A 257 -29.11 35.13 19.60
C ASP A 257 -30.63 35.16 19.68
N PHE A 258 -31.30 34.78 18.57
CA PHE A 258 -32.74 34.67 18.43
C PHE A 258 -33.24 33.58 19.39
N TRP A 259 -32.53 32.44 19.44
CA TRP A 259 -32.87 31.33 20.34
C TRP A 259 -32.57 31.67 21.79
N LYS A 260 -31.52 32.49 22.02
CA LYS A 260 -31.09 32.97 23.34
C LYS A 260 -32.20 33.88 23.93
N GLN A 261 -32.78 34.76 23.10
CA GLN A 261 -33.87 35.67 23.46
C GLN A 261 -35.15 34.91 23.78
N GLN A 262 -35.37 33.77 23.12
CA GLN A 262 -36.55 32.93 23.30
C GLN A 262 -36.38 31.91 24.43
N GLY A 263 -35.22 31.92 25.10
CA GLY A 263 -34.87 31.02 26.20
C GLY A 263 -34.70 29.57 25.78
N LEU A 264 -34.25 29.33 24.53
CA LEU A 264 -34.06 28.01 23.92
C LEU A 264 -32.62 27.59 23.81
N LEU A 265 -31.68 28.54 23.86
CA LEU A 265 -30.27 28.23 23.73
C LEU A 265 -29.70 27.84 25.09
N LEU A 266 -29.26 26.59 25.23
CA LEU A 266 -28.71 26.05 26.47
C LEU A 266 -27.18 26.05 26.49
N TYR A 267 -26.57 25.83 25.32
CA TYR A 267 -25.13 25.87 25.08
C TYR A 267 -24.94 26.36 23.66
N CYS A 268 -23.84 27.07 23.41
CA CYS A 268 -23.48 27.59 22.10
C CYS A 268 -22.00 27.80 21.94
N ASP A 269 -21.47 27.38 20.80
CA ASP A 269 -20.08 27.55 20.44
C ASP A 269 -20.03 27.77 18.91
N ILE A 270 -19.73 29.02 18.45
CA ILE A 270 -19.64 29.29 17.02
C ILE A 270 -18.18 29.34 16.56
N LEU A 271 -17.80 28.40 15.69
CA LEU A 271 -16.47 28.30 15.12
C LEU A 271 -16.48 29.08 13.79
N GLU A 272 -15.60 30.09 13.66
CA GLU A 272 -15.52 30.91 12.46
C GLU A 272 -14.85 30.18 11.30
N SER A 273 -15.27 30.55 10.10
CA SER A 273 -14.78 29.98 8.85
C SER A 273 -13.30 30.27 8.62
N THR A 274 -12.54 29.25 8.15
CA THR A 274 -11.13 29.34 7.79
C THR A 274 -10.97 29.04 6.28
N PHE A 275 -12.12 28.75 5.62
CA PHE A 275 -12.20 28.39 4.21
C PHE A 275 -11.56 29.42 3.26
N GLU A 276 -11.23 28.92 2.05
CA GLU A 276 -10.59 29.69 1.00
C GLU A 276 -11.52 29.76 -0.24
N LYS A 279 -7.98 26.87 -1.97
CA LYS A 279 -8.19 25.91 -0.88
C LYS A 279 -7.34 24.66 -1.04
N GLN A 280 -6.16 24.63 -0.36
CA GLN A 280 -5.17 23.56 -0.40
C GLN A 280 -5.67 22.18 0.09
N PRO A 281 -5.78 21.19 -0.82
CA PRO A 281 -6.17 19.85 -0.37
C PRO A 281 -4.95 19.12 0.23
N SER A 282 -5.14 18.43 1.39
CA SER A 282 -4.08 17.68 2.07
C SER A 282 -4.45 16.22 2.29
N ARG A 283 -3.44 15.34 2.42
CA ARG A 283 -3.62 13.89 2.66
C ARG A 283 -3.88 13.58 4.13
N ALA A 287 -9.75 16.26 12.22
CA ALA A 287 -9.66 16.85 10.90
C ALA A 287 -10.47 18.13 10.86
N LEU A 288 -11.81 17.98 10.79
CA LEU A 288 -12.81 19.03 10.75
C LEU A 288 -12.86 19.78 9.40
N ASP A 289 -13.91 20.59 9.24
CA ASP A 289 -14.15 21.34 8.03
C ASP A 289 -13.84 22.78 8.32
N HIS A 290 -13.53 23.53 7.27
CA HIS A 290 -13.22 24.93 7.44
C HIS A 290 -14.45 25.80 7.34
N PHE A 291 -15.62 25.15 7.11
CA PHE A 291 -16.86 25.89 7.04
C PHE A 291 -17.18 26.46 8.37
N GLN A 292 -18.02 27.50 8.35
CA GLN A 292 -18.45 28.10 9.56
C GLN A 292 -19.47 27.17 10.18
N LYS A 293 -19.35 26.92 11.49
CA LYS A 293 -20.26 26.00 12.14
C LYS A 293 -20.51 26.30 13.58
N CYS A 294 -21.55 25.73 14.17
CA CYS A 294 -21.78 25.85 15.60
C CYS A 294 -22.36 24.58 16.23
N PHE A 295 -21.96 24.29 17.47
CA PHE A 295 -22.39 23.12 18.24
C PHE A 295 -23.25 23.68 19.37
N LEU A 296 -24.54 23.32 19.32
CA LEU A 296 -25.54 23.82 20.23
C LEU A 296 -26.21 22.72 21.03
N ILE A 297 -26.85 23.13 22.10
CA ILE A 297 -27.73 22.31 22.89
C ILE A 297 -28.98 23.19 22.93
N LEU A 298 -30.07 22.72 22.32
CA LEU A 298 -31.32 23.44 22.22
C LEU A 298 -32.37 22.86 23.17
N LYS A 299 -33.24 23.73 23.70
CA LYS A 299 -34.38 23.35 24.53
C LYS A 299 -35.51 23.02 23.54
N LEU A 300 -35.89 21.73 23.44
CA LEU A 300 -36.99 21.31 22.56
C LEU A 300 -38.23 21.11 23.42
N ASP A 301 -39.22 22.01 23.30
CA ASP A 301 -40.48 21.92 24.05
C ASP A 301 -41.24 20.68 23.60
N HIS A 302 -41.70 19.85 24.55
CA HIS A 302 -42.43 18.60 24.29
C HIS A 302 -43.66 18.81 23.38
N GLY A 303 -44.25 20.00 23.44
CA GLY A 303 -45.41 20.40 22.63
C GLY A 303 -45.18 20.45 21.13
N ARG A 304 -43.90 20.42 20.69
CA ARG A 304 -43.50 20.44 19.28
C ARG A 304 -43.38 19.01 18.69
N VAL A 305 -43.45 17.98 19.56
CA VAL A 305 -43.32 16.55 19.24
C VAL A 305 -44.63 15.78 19.61
N HIS A 306 -44.86 14.60 18.95
CA HIS A 306 -46.00 13.72 19.24
C HIS A 306 -45.59 12.25 19.29
N GLU A 314 -45.53 16.15 30.08
CA GLU A 314 -44.57 15.26 30.74
C GLU A 314 -43.83 15.99 31.88
N GLY A 315 -42.80 15.35 32.45
CA GLY A 315 -42.01 15.90 33.56
C GLY A 315 -41.58 17.34 33.37
N LYS A 316 -40.58 17.50 32.51
CA LYS A 316 -39.97 18.79 32.28
C LYS A 316 -40.81 19.65 31.39
N GLY A 317 -41.27 19.08 30.28
CA GLY A 317 -42.02 19.80 29.27
C GLY A 317 -41.13 20.20 28.12
N TRP A 318 -39.82 19.84 28.18
CA TRP A 318 -38.80 20.10 27.13
C TRP A 318 -37.71 19.04 27.11
N LYS A 319 -36.79 19.06 26.13
CA LYS A 319 -35.67 18.11 26.05
C LYS A 319 -34.43 18.84 25.58
N ALA A 320 -33.27 18.59 26.22
CA ALA A 320 -31.99 19.17 25.74
C ALA A 320 -31.58 18.34 24.51
N ILE A 321 -31.43 19.00 23.34
CA ILE A 321 -31.04 18.31 22.12
C ILE A 321 -29.80 18.91 21.52
N ARG A 322 -28.80 18.06 21.20
CA ARG A 322 -27.55 18.45 20.56
C ARG A 322 -27.79 18.66 19.09
N VAL A 323 -27.53 19.89 18.61
CA VAL A 323 -27.74 20.30 17.20
C VAL A 323 -26.46 20.94 16.63
N ASP A 324 -26.08 20.53 15.42
CA ASP A 324 -24.95 21.08 14.67
C ASP A 324 -25.47 21.82 13.46
N LEU A 325 -25.12 23.08 13.35
CA LEU A 325 -25.48 23.90 12.18
C LEU A 325 -24.20 24.19 11.42
N VAL A 326 -24.23 24.00 10.11
CA VAL A 326 -23.09 24.23 9.24
C VAL A 326 -23.55 25.19 8.17
N MET A 327 -22.89 26.33 8.10
CA MET A 327 -23.18 27.37 7.14
C MET A 327 -22.12 27.24 6.04
N CYS A 328 -22.58 27.01 4.80
CA CYS A 328 -21.66 26.79 3.69
C CYS A 328 -21.95 27.68 2.46
N PRO A 329 -20.92 28.11 1.70
CA PRO A 329 -21.19 28.87 0.45
C PRO A 329 -21.93 28.02 -0.58
N TYR A 330 -22.85 28.63 -1.34
CA TYR A 330 -23.70 27.94 -2.30
C TYR A 330 -22.96 27.08 -3.32
N ASP A 331 -21.83 27.57 -3.86
CA ASP A 331 -21.04 26.86 -4.85
C ASP A 331 -20.39 25.56 -4.33
N ARG A 332 -20.25 25.39 -2.99
CA ARG A 332 -19.62 24.21 -2.37
C ARG A 332 -20.64 23.27 -1.66
N ARG A 333 -21.96 23.52 -1.82
CA ARG A 333 -23.08 22.82 -1.16
C ARG A 333 -23.08 21.30 -1.30
N ALA A 334 -22.89 20.75 -2.52
CA ALA A 334 -22.87 19.30 -2.74
C ALA A 334 -21.74 18.64 -1.96
N PHE A 335 -20.51 19.23 -1.95
CA PHE A 335 -19.35 18.70 -1.21
C PHE A 335 -19.61 18.63 0.30
N ALA A 336 -20.20 19.71 0.84
CA ALA A 336 -20.57 19.80 2.24
C ALA A 336 -21.69 18.80 2.57
N LEU A 337 -22.70 18.66 1.67
CA LEU A 337 -23.78 17.70 1.86
C LEU A 337 -23.25 16.27 1.78
N LEU A 338 -22.31 15.98 0.88
CA LEU A 338 -21.73 14.63 0.80
C LEU A 338 -20.90 14.32 2.05
N GLY A 339 -20.20 15.31 2.58
CA GLY A 339 -19.36 15.17 3.75
C GLY A 339 -20.09 15.08 5.07
N TRP A 340 -21.16 15.84 5.25
CA TRP A 340 -21.91 15.86 6.50
C TRP A 340 -22.95 14.79 6.61
N THR A 341 -23.19 14.09 5.51
CA THR A 341 -24.15 13.00 5.48
C THR A 341 -23.46 11.79 6.10
N GLY A 342 -22.19 11.59 5.78
CA GLY A 342 -21.49 10.43 6.29
C GLY A 342 -21.95 9.17 5.60
N SER A 343 -21.76 7.99 6.21
CA SER A 343 -21.18 7.78 7.54
C SER A 343 -19.67 7.95 7.51
N ARG A 344 -19.06 7.94 8.70
CA ARG A 344 -17.62 8.06 8.84
C ARG A 344 -16.83 7.13 7.89
N GLN A 345 -17.24 5.85 7.84
CA GLN A 345 -16.54 4.89 7.02
C GLN A 345 -16.74 5.13 5.55
N PHE A 346 -17.95 5.57 5.17
CA PHE A 346 -18.28 5.87 3.77
C PHE A 346 -17.40 7.00 3.24
N GLU A 347 -17.23 8.09 4.04
CA GLU A 347 -16.41 9.27 3.73
C GLU A 347 -14.94 8.89 3.61
N ARG A 348 -14.43 8.12 4.59
CA ARG A 348 -13.05 7.60 4.62
C ARG A 348 -12.72 6.87 3.33
N ASP A 349 -13.67 6.03 2.87
CA ASP A 349 -13.49 5.23 1.64
C ASP A 349 -13.68 6.05 0.37
N LEU A 350 -14.50 7.12 0.41
CA LEU A 350 -14.68 8.01 -0.73
C LEU A 350 -13.35 8.70 -0.98
N ARG A 351 -12.71 9.18 0.11
CA ARG A 351 -11.40 9.85 0.09
C ARG A 351 -10.29 8.88 -0.34
N ARG A 352 -10.35 7.63 0.13
CA ARG A 352 -9.37 6.58 -0.15
C ARG A 352 -9.42 6.16 -1.62
N TYR A 353 -10.63 5.88 -2.13
CA TYR A 353 -10.88 5.49 -3.51
C TYR A 353 -10.43 6.60 -4.45
N ALA A 354 -10.78 7.84 -4.14
CA ALA A 354 -10.42 9.02 -4.93
C ALA A 354 -8.90 9.14 -5.13
N THR A 355 -8.11 8.98 -4.07
CA THR A 355 -6.67 9.08 -4.19
C THR A 355 -6.10 7.86 -4.88
N HIS A 356 -6.29 6.67 -4.29
CA HIS A 356 -5.68 5.42 -4.77
C HIS A 356 -6.15 4.95 -6.14
N GLU A 357 -7.44 5.07 -6.45
CA GLU A 357 -7.95 4.58 -7.74
C GLU A 357 -8.17 5.65 -8.80
N ARG A 358 -8.09 6.94 -8.46
CA ARG A 358 -8.42 7.96 -9.46
C ARG A 358 -7.45 9.12 -9.59
N LYS A 359 -6.47 9.22 -8.65
CA LYS A 359 -5.52 10.34 -8.56
C LYS A 359 -6.31 11.63 -8.35
N MET A 360 -7.19 11.60 -7.37
CA MET A 360 -8.04 12.75 -7.05
C MET A 360 -8.06 12.97 -5.56
N MET A 361 -8.37 14.19 -5.13
CA MET A 361 -8.40 14.55 -3.72
C MET A 361 -9.74 15.08 -3.36
N LEU A 362 -10.42 14.37 -2.43
CA LEU A 362 -11.73 14.82 -2.03
C LEU A 362 -11.73 15.22 -0.56
N ASP A 363 -12.57 16.21 -0.24
CA ASP A 363 -12.77 16.62 1.13
C ASP A 363 -14.17 17.26 1.19
N ASN A 364 -14.48 17.99 2.28
CA ASN A 364 -15.79 18.58 2.49
C ASN A 364 -16.05 19.82 1.70
N HIS A 365 -15.02 20.40 1.10
CA HIS A 365 -15.04 21.65 0.36
C HIS A 365 -14.91 21.45 -1.13
N ALA A 366 -14.10 20.47 -1.60
CA ALA A 366 -13.86 20.32 -3.03
C ALA A 366 -13.32 18.97 -3.41
N LEU A 367 -13.29 18.72 -4.74
CA LEU A 367 -12.73 17.56 -5.40
C LEU A 367 -11.68 18.07 -6.39
N TYR A 368 -10.45 17.59 -6.23
CA TYR A 368 -9.34 18.04 -7.08
C TYR A 368 -8.76 16.92 -7.90
N ASP A 369 -8.65 17.11 -9.23
CA ASP A 369 -8.07 16.12 -10.14
C ASP A 369 -6.54 16.40 -10.26
N ARG A 370 -5.74 15.51 -9.70
CA ARG A 370 -4.29 15.67 -9.63
C ARG A 370 -3.53 15.56 -10.93
N THR A 371 -4.11 14.91 -11.94
CA THR A 371 -3.47 14.75 -13.26
C THR A 371 -3.88 15.89 -14.20
N LYS A 372 -5.16 16.34 -14.14
CA LYS A 372 -5.66 17.47 -14.95
C LYS A 372 -5.28 18.82 -14.31
N ARG A 373 -4.86 18.80 -12.99
CA ARG A 373 -4.50 19.96 -12.15
C ARG A 373 -5.65 20.98 -12.08
N VAL A 374 -6.86 20.47 -11.88
CA VAL A 374 -8.08 21.26 -11.89
C VAL A 374 -9.07 20.81 -10.81
N PHE A 375 -9.86 21.77 -10.31
CA PHE A 375 -10.92 21.52 -9.34
C PHE A 375 -12.20 21.17 -10.09
N LEU A 376 -12.80 20.04 -9.72
CA LEU A 376 -14.01 19.55 -10.36
C LEU A 376 -15.21 20.13 -9.72
N GLU A 377 -16.06 20.74 -10.55
CA GLU A 377 -17.27 21.43 -10.13
C GLU A 377 -18.47 20.50 -10.09
N ALA A 378 -19.28 20.63 -9.01
CA ALA A 378 -20.48 19.82 -8.86
C ALA A 378 -21.62 20.63 -8.26
N GLU A 379 -22.85 20.44 -8.79
CA GLU A 379 -24.05 21.11 -8.29
C GLU A 379 -24.88 20.12 -7.47
N SER A 380 -24.52 18.82 -7.48
CA SER A 380 -25.22 17.75 -6.76
C SER A 380 -24.23 16.64 -6.36
N GLU A 381 -24.63 15.80 -5.41
CA GLU A 381 -23.83 14.65 -4.93
C GLU A 381 -23.62 13.66 -6.09
N GLU A 382 -24.64 13.56 -6.99
CA GLU A 382 -24.66 12.72 -8.17
C GLU A 382 -23.53 13.08 -9.13
N GLU A 383 -23.19 14.39 -9.22
CA GLU A 383 -22.10 14.87 -10.06
C GLU A 383 -20.72 14.50 -9.49
N ILE A 384 -20.57 14.50 -8.14
CA ILE A 384 -19.33 14.09 -7.46
C ILE A 384 -19.06 12.60 -7.73
N PHE A 385 -20.10 11.74 -7.58
CA PHE A 385 -20.00 10.31 -7.86
C PHE A 385 -19.61 10.08 -9.31
N ALA A 386 -20.21 10.86 -10.23
CA ALA A 386 -19.95 10.83 -11.68
C ALA A 386 -18.47 11.17 -12.00
N HIS A 387 -17.95 12.23 -11.37
CA HIS A 387 -16.56 12.65 -11.52
C HIS A 387 -15.62 11.57 -11.05
N LEU A 388 -15.96 10.88 -9.94
CA LEU A 388 -15.15 9.83 -9.32
C LEU A 388 -15.19 8.51 -10.10
N GLY A 389 -16.19 8.35 -10.97
CA GLY A 389 -16.37 7.15 -11.77
C GLY A 389 -17.15 6.09 -11.03
N LEU A 390 -17.93 6.52 -10.02
CA LEU A 390 -18.73 5.67 -9.15
C LEU A 390 -20.19 5.72 -9.53
N ASP A 391 -20.92 4.63 -9.19
CA ASP A 391 -22.36 4.55 -9.35
C ASP A 391 -22.93 5.35 -8.17
N TYR A 392 -24.04 6.06 -8.37
CA TYR A 392 -24.59 6.83 -7.27
C TYR A 392 -25.10 5.94 -6.13
N ILE A 393 -24.77 6.32 -4.89
CA ILE A 393 -25.19 5.60 -3.68
C ILE A 393 -26.12 6.51 -2.91
N GLU A 394 -27.37 6.07 -2.75
CA GLU A 394 -28.40 6.83 -2.04
C GLU A 394 -28.04 7.00 -0.56
N PRO A 395 -28.38 8.15 0.06
CA PRO A 395 -27.99 8.35 1.47
C PRO A 395 -28.27 7.19 2.41
N TRP A 396 -29.41 6.51 2.29
CA TRP A 396 -29.78 5.39 3.17
C TRP A 396 -29.00 4.08 2.86
N GLU A 397 -28.12 4.13 1.85
CA GLU A 397 -27.26 3.03 1.43
C GLU A 397 -25.79 3.32 1.76
N ARG A 398 -25.55 4.39 2.55
CA ARG A 398 -24.21 4.82 2.95
C ARG A 398 -23.96 4.55 4.43
N ASN A 399 -24.62 3.54 5.00
CA ASN A 399 -24.54 3.25 6.42
C ASN A 399 -23.39 2.34 6.81
N ALA A 400 -22.24 2.54 6.14
CA ALA A 400 -21.00 1.80 6.39
C ALA A 400 -20.34 2.29 7.68
N LYS B 39 17.87 11.91 4.49
CA LYS B 39 16.94 10.77 4.60
C LYS B 39 17.17 9.73 3.50
N ILE B 40 17.32 8.45 3.90
CA ILE B 40 17.56 7.31 3.02
C ILE B 40 16.23 6.66 2.59
N SER B 41 16.08 6.45 1.29
CA SER B 41 14.91 5.84 0.69
C SER B 41 14.88 4.33 0.87
N GLN B 42 13.66 3.77 0.91
CA GLN B 42 13.37 2.33 1.01
C GLN B 42 13.49 1.66 -0.38
N TYR B 43 13.56 2.48 -1.45
CA TYR B 43 13.69 2.05 -2.85
C TYR B 43 15.13 2.18 -3.30
N ALA B 44 15.69 1.08 -3.82
CA ALA B 44 17.06 1.00 -4.32
C ALA B 44 17.33 1.97 -5.46
N CYS B 45 16.28 2.30 -6.25
CA CYS B 45 16.35 3.24 -7.37
C CYS B 45 16.54 4.71 -6.92
N GLN B 46 16.41 5.02 -5.62
CA GLN B 46 16.58 6.37 -5.05
C GLN B 46 17.84 6.39 -4.18
N ARG B 47 18.69 5.36 -4.32
CA ARG B 47 19.95 5.17 -3.62
C ARG B 47 21.08 4.82 -4.58
N ARG B 48 22.32 5.31 -4.29
CA ARG B 48 23.54 5.02 -5.05
C ARG B 48 24.20 3.86 -4.31
N THR B 49 24.34 2.73 -5.00
CA THR B 49 24.91 1.50 -4.46
C THR B 49 26.06 1.07 -5.34
N THR B 50 27.29 1.39 -4.93
CA THR B 50 28.49 1.03 -5.66
C THR B 50 28.94 -0.37 -5.21
N LEU B 51 30.12 -0.81 -5.65
CA LEU B 51 30.61 -2.14 -5.24
C LEU B 51 31.41 -2.09 -3.94
N ASN B 52 31.52 -0.89 -3.35
CA ASN B 52 32.22 -0.68 -2.09
C ASN B 52 31.21 -0.85 -0.96
N ASN B 53 31.26 -2.03 -0.33
CA ASN B 53 30.38 -2.47 0.74
C ASN B 53 31.10 -2.40 2.07
N TYR B 54 30.66 -1.48 2.96
CA TYR B 54 31.23 -1.37 4.30
C TYR B 54 30.52 -2.22 5.32
N ASN B 55 29.42 -2.89 4.95
CA ASN B 55 28.66 -3.75 5.86
C ASN B 55 28.63 -5.22 5.41
N GLN B 56 29.67 -5.67 4.68
CA GLN B 56 29.82 -7.03 4.15
C GLN B 56 29.47 -8.13 5.19
N LEU B 57 29.83 -7.92 6.48
CA LEU B 57 29.57 -8.88 7.55
C LEU B 57 28.07 -9.03 7.78
N PHE B 58 27.34 -7.89 7.71
CA PHE B 58 25.89 -7.82 7.84
C PHE B 58 25.18 -8.30 6.56
N THR B 59 25.67 -7.87 5.37
CA THR B 59 25.00 -8.23 4.10
C THR B 59 25.17 -9.71 3.79
N ASP B 60 26.29 -10.34 4.19
CA ASP B 60 26.53 -11.77 3.97
C ASP B 60 25.52 -12.63 4.73
N ALA B 61 25.31 -12.31 6.02
CA ALA B 61 24.36 -12.97 6.90
C ALA B 61 22.92 -12.88 6.36
N LEU B 62 22.50 -11.65 5.97
CA LEU B 62 21.19 -11.38 5.40
C LEU B 62 20.97 -12.07 4.07
N ASP B 63 22.04 -12.24 3.26
CA ASP B 63 22.01 -12.94 1.96
C ASP B 63 21.84 -14.46 2.14
N ILE B 64 22.36 -15.02 3.24
CA ILE B 64 22.24 -16.43 3.57
C ILE B 64 20.80 -16.68 4.04
N LEU B 65 20.26 -15.77 4.90
CA LEU B 65 18.90 -15.88 5.41
C LEU B 65 17.84 -15.72 4.32
N ALA B 66 18.09 -14.82 3.35
CA ALA B 66 17.22 -14.57 2.19
C ALA B 66 17.19 -15.79 1.27
N GLU B 67 18.37 -16.39 0.99
CA GLU B 67 18.55 -17.61 0.18
C GLU B 67 17.79 -18.76 0.80
N ASN B 68 17.78 -18.83 2.15
CA ASN B 68 17.09 -19.87 2.92
C ASN B 68 15.60 -19.72 2.82
N ASP B 69 15.10 -18.49 2.81
CA ASP B 69 13.67 -18.25 2.68
C ASP B 69 13.21 -18.36 1.24
N GLU B 70 14.13 -18.14 0.26
CA GLU B 70 13.85 -18.26 -1.17
C GLU B 70 13.71 -19.74 -1.55
N LEU B 71 14.47 -20.63 -0.88
CA LEU B 71 14.41 -22.07 -1.13
C LEU B 71 13.23 -22.71 -0.42
N ARG B 72 12.84 -22.19 0.75
CA ARG B 72 11.69 -22.67 1.53
C ARG B 72 10.42 -21.95 1.10
N GLU B 73 10.53 -21.20 -0.01
CA GLU B 73 9.44 -20.42 -0.63
C GLU B 73 8.65 -19.61 0.39
N ASN B 74 9.34 -18.89 1.28
CA ASN B 74 8.71 -18.02 2.28
C ASN B 74 9.02 -16.63 1.74
N GLU B 75 8.32 -16.25 0.65
CA GLU B 75 8.50 -15.05 -0.17
C GLU B 75 8.62 -13.74 0.59
N GLY B 76 7.63 -13.42 1.43
CA GLY B 76 7.59 -12.18 2.20
C GLY B 76 8.80 -11.96 3.09
N SER B 77 9.15 -13.01 3.87
CA SER B 77 10.28 -13.09 4.80
C SER B 77 11.61 -12.95 4.04
N CYS B 78 11.68 -13.53 2.83
CA CYS B 78 12.83 -13.54 1.91
C CYS B 78 13.17 -12.12 1.39
N LEU B 79 12.18 -11.46 0.78
CA LEU B 79 12.32 -10.12 0.25
C LEU B 79 12.70 -9.09 1.31
N ALA B 80 12.15 -9.22 2.54
CA ALA B 80 12.49 -8.32 3.64
C ALA B 80 13.99 -8.38 3.94
N PHE B 81 14.62 -9.58 3.81
CA PHE B 81 16.05 -9.77 4.03
C PHE B 81 16.87 -9.21 2.86
N MET B 82 16.39 -9.38 1.61
CA MET B 82 17.01 -8.85 0.38
C MET B 82 17.00 -7.33 0.42
N ARG B 83 15.87 -6.73 0.86
CA ARG B 83 15.70 -5.29 1.00
C ARG B 83 16.60 -4.76 2.09
N ALA B 84 16.72 -5.49 3.23
CA ALA B 84 17.59 -5.09 4.35
C ALA B 84 19.05 -5.12 3.89
N SER B 85 19.50 -6.28 3.37
CA SER B 85 20.84 -6.47 2.80
C SER B 85 21.14 -5.37 1.77
N SER B 86 20.16 -5.03 0.89
CA SER B 86 20.27 -4.02 -0.15
C SER B 86 20.49 -2.61 0.40
N VAL B 87 19.73 -2.20 1.41
CA VAL B 87 19.88 -0.87 2.02
C VAL B 87 21.27 -0.75 2.68
N LEU B 88 21.76 -1.84 3.33
CA LEU B 88 23.07 -1.86 3.98
C LEU B 88 24.22 -1.68 3.00
N LYS B 89 24.10 -2.29 1.78
CA LYS B 89 25.09 -2.16 0.71
C LYS B 89 25.24 -0.69 0.23
N SER B 90 24.13 0.10 0.30
CA SER B 90 24.07 1.51 -0.13
C SER B 90 24.78 2.49 0.79
N LEU B 91 24.90 2.13 2.08
CA LEU B 91 25.49 2.97 3.12
C LEU B 91 26.92 3.40 2.83
N PRO B 92 27.24 4.70 3.06
CA PRO B 92 28.61 5.17 2.80
C PRO B 92 29.51 5.05 4.04
N PHE B 93 29.12 4.22 5.03
CA PHE B 93 29.80 4.02 6.30
C PHE B 93 29.46 2.67 6.91
N PRO B 94 30.32 2.07 7.76
CA PRO B 94 29.94 0.80 8.40
C PRO B 94 29.07 0.96 9.66
N ILE B 95 28.24 -0.06 9.98
CA ILE B 95 27.40 -0.07 11.19
C ILE B 95 28.28 -0.60 12.32
N THR B 96 28.48 0.23 13.35
CA THR B 96 29.33 -0.09 14.51
C THR B 96 28.53 -0.16 15.82
N SER B 97 27.34 0.48 15.84
CA SER B 97 26.41 0.49 16.97
C SER B 97 24.96 0.46 16.49
N MET B 98 24.02 0.18 17.41
CA MET B 98 22.59 0.14 17.10
C MET B 98 22.01 1.51 16.81
N LYS B 99 22.71 2.59 17.22
CA LYS B 99 22.31 3.98 16.96
C LYS B 99 22.51 4.34 15.49
N ASP B 100 23.50 3.70 14.81
CA ASP B 100 23.79 3.91 13.39
C ASP B 100 22.62 3.44 12.52
N THR B 101 21.85 2.43 13.00
CA THR B 101 20.70 1.83 12.34
C THR B 101 19.47 2.76 12.32
N GLU B 102 19.41 3.72 13.27
CA GLU B 102 18.31 4.67 13.39
C GLU B 102 18.12 5.51 12.12
N GLY B 103 16.89 5.54 11.63
CA GLY B 103 16.48 6.27 10.43
C GLY B 103 16.61 5.49 9.14
N ILE B 104 17.31 4.32 9.18
CA ILE B 104 17.53 3.49 8.01
C ILE B 104 16.33 2.58 7.80
N PRO B 105 15.65 2.70 6.63
CA PRO B 105 14.46 1.87 6.38
C PRO B 105 14.78 0.39 6.15
N CYS B 106 13.73 -0.44 5.99
CA CYS B 106 13.80 -1.88 5.72
C CYS B 106 14.41 -2.71 6.87
N LEU B 107 14.81 -2.07 8.00
CA LEU B 107 15.34 -2.76 9.19
C LEU B 107 14.29 -2.70 10.29
N GLY B 108 13.68 -3.83 10.60
CA GLY B 108 12.68 -3.95 11.65
C GLY B 108 13.27 -4.64 12.87
N ASP B 109 12.41 -5.19 13.75
CA ASP B 109 12.82 -5.86 14.99
C ASP B 109 13.71 -7.11 14.76
N LYS B 110 13.49 -7.88 13.68
CA LYS B 110 14.28 -9.08 13.40
C LYS B 110 15.65 -8.73 12.85
N VAL B 111 15.71 -7.86 11.81
CA VAL B 111 16.95 -7.41 11.16
C VAL B 111 17.87 -6.77 12.19
N LYS B 112 17.32 -5.87 13.03
CA LYS B 112 18.03 -5.22 14.12
C LYS B 112 18.58 -6.26 15.12
N SER B 113 17.84 -7.38 15.36
CA SER B 113 18.29 -8.46 16.25
C SER B 113 19.52 -9.18 15.69
N ILE B 114 19.55 -9.38 14.36
CA ILE B 114 20.67 -10.02 13.65
C ILE B 114 21.87 -9.06 13.63
N ILE B 115 21.61 -7.74 13.44
CA ILE B 115 22.65 -6.70 13.45
C ILE B 115 23.29 -6.65 14.85
N GLU B 116 22.46 -6.67 15.92
CA GLU B 116 22.90 -6.65 17.32
C GLU B 116 23.73 -7.89 17.70
N GLY B 117 23.41 -9.03 17.09
CA GLY B 117 24.10 -10.30 17.26
C GLY B 117 25.49 -10.30 16.64
N ILE B 118 25.62 -9.68 15.45
CA ILE B 118 26.87 -9.54 14.70
C ILE B 118 27.78 -8.51 15.38
N ILE B 119 27.22 -7.39 15.89
CA ILE B 119 28.00 -6.36 16.59
C ILE B 119 28.70 -6.99 17.82
N GLU B 120 27.96 -7.78 18.62
CA GLU B 120 28.44 -8.46 19.83
C GLU B 120 29.51 -9.54 19.56
N ASP B 121 29.12 -10.71 19.00
CA ASP B 121 30.01 -11.85 18.76
C ASP B 121 30.84 -11.79 17.46
N GLY B 122 30.51 -10.88 16.55
CA GLY B 122 31.21 -10.75 15.28
C GLY B 122 30.74 -11.70 14.19
N GLU B 123 29.72 -12.52 14.49
CA GLU B 123 29.12 -13.52 13.60
C GLU B 123 27.61 -13.63 13.81
N SER B 124 26.92 -14.30 12.87
CA SER B 124 25.48 -14.55 12.89
C SER B 124 25.24 -16.02 13.23
N SER B 125 24.62 -16.26 14.38
CA SER B 125 24.26 -17.61 14.81
C SER B 125 23.08 -18.11 13.94
N GLU B 126 22.18 -17.17 13.54
CA GLU B 126 21.03 -17.44 12.69
C GLU B 126 21.46 -17.91 11.29
N ALA B 127 22.45 -17.22 10.69
CA ALA B 127 23.02 -17.53 9.37
C ALA B 127 23.92 -18.79 9.37
N LYS B 128 24.67 -19.03 10.46
CA LYS B 128 25.53 -20.21 10.63
C LYS B 128 24.69 -21.48 10.71
N ALA B 129 23.49 -21.36 11.31
CA ALA B 129 22.51 -22.43 11.47
C ALA B 129 22.02 -22.92 10.11
N VAL B 130 21.73 -21.95 9.21
CA VAL B 130 21.25 -22.17 7.84
C VAL B 130 22.34 -22.84 6.98
N LEU B 131 23.61 -22.45 7.19
CA LEU B 131 24.78 -23.00 6.47
C LEU B 131 24.99 -24.48 6.81
N ASN B 132 24.63 -24.89 8.04
CA ASN B 132 24.76 -26.27 8.51
C ASN B 132 23.49 -27.10 8.20
N ASP B 133 22.39 -26.42 7.83
CA ASP B 133 21.10 -27.04 7.47
C ASP B 133 21.20 -27.80 6.14
N GLU B 134 20.88 -29.12 6.16
CA GLU B 134 20.93 -30.07 5.03
C GLU B 134 20.02 -29.69 3.86
N ARG B 135 18.79 -29.21 4.14
CA ARG B 135 17.84 -28.78 3.11
C ARG B 135 18.40 -27.56 2.36
N TYR B 136 19.14 -26.66 3.06
CA TYR B 136 19.78 -25.47 2.51
C TYR B 136 20.98 -25.85 1.63
N LYS B 137 21.93 -26.64 2.19
CA LYS B 137 23.15 -27.12 1.53
C LYS B 137 22.79 -27.82 0.23
N SER B 138 21.79 -28.73 0.27
CA SER B 138 21.34 -29.50 -0.89
C SER B 138 20.65 -28.64 -1.95
N PHE B 139 19.84 -27.65 -1.52
CA PHE B 139 19.16 -26.73 -2.44
C PHE B 139 20.21 -25.86 -3.16
N LYS B 140 21.16 -25.28 -2.41
CA LYS B 140 22.26 -24.46 -2.91
C LYS B 140 23.10 -25.25 -3.93
N LEU B 141 23.38 -26.53 -3.63
CA LEU B 141 24.18 -27.43 -4.46
C LEU B 141 23.44 -27.85 -5.73
N PHE B 142 22.17 -28.24 -5.62
CA PHE B 142 21.39 -28.71 -6.77
C PHE B 142 21.04 -27.60 -7.75
N THR B 143 20.58 -26.42 -7.25
CA THR B 143 20.25 -25.26 -8.10
C THR B 143 21.48 -24.65 -8.75
N SER B 144 22.70 -24.95 -8.22
CA SER B 144 23.94 -24.47 -8.80
C SER B 144 24.22 -25.13 -10.17
N VAL B 145 23.41 -26.16 -10.55
CA VAL B 145 23.50 -26.85 -11.84
C VAL B 145 22.60 -26.11 -12.84
N PHE B 146 23.14 -25.84 -14.05
CA PHE B 146 22.42 -25.13 -15.11
C PHE B 146 21.31 -26.00 -15.68
N GLY B 147 20.07 -25.61 -15.39
CA GLY B 147 18.87 -26.34 -15.81
C GLY B 147 18.10 -26.95 -14.65
N VAL B 148 18.64 -26.84 -13.43
CA VAL B 148 17.98 -27.32 -12.22
C VAL B 148 17.52 -26.11 -11.40
N GLY B 149 16.23 -25.99 -11.20
CA GLY B 149 15.62 -24.94 -10.39
C GLY B 149 15.05 -25.54 -9.10
N LEU B 150 14.25 -24.75 -8.40
CA LEU B 150 13.67 -25.10 -7.12
C LEU B 150 12.84 -26.41 -7.14
N LYS B 151 12.05 -26.65 -8.19
CA LYS B 151 11.21 -27.84 -8.29
C LYS B 151 12.01 -29.17 -8.39
N THR B 152 13.09 -29.20 -9.20
CA THR B 152 13.94 -30.38 -9.37
C THR B 152 14.79 -30.62 -8.12
N ALA B 153 15.31 -29.52 -7.52
CA ALA B 153 16.13 -29.55 -6.32
C ALA B 153 15.39 -30.19 -5.14
N GLU B 154 14.10 -29.86 -5.00
CA GLU B 154 13.22 -30.37 -3.95
C GLU B 154 12.86 -31.84 -4.22
N LYS B 155 12.50 -32.17 -5.49
CA LYS B 155 12.20 -33.52 -5.95
C LYS B 155 13.37 -34.45 -5.60
N TRP B 156 14.61 -34.01 -5.92
CA TRP B 156 15.84 -34.75 -5.64
C TRP B 156 16.15 -34.90 -4.14
N PHE B 157 15.97 -33.83 -3.35
CA PHE B 157 16.21 -33.82 -1.91
C PHE B 157 15.29 -34.81 -1.19
N ARG B 158 14.04 -34.91 -1.66
CA ARG B 158 13.04 -35.79 -1.11
C ARG B 158 13.25 -37.26 -1.55
N MET B 159 13.99 -37.48 -2.66
CA MET B 159 14.34 -38.81 -3.17
C MET B 159 15.58 -39.37 -2.44
N GLY B 160 16.06 -38.61 -1.45
CA GLY B 160 17.18 -38.96 -0.60
C GLY B 160 18.56 -38.57 -1.12
N PHE B 161 18.62 -37.78 -2.19
CA PHE B 161 19.89 -37.33 -2.78
C PHE B 161 20.50 -36.16 -2.00
N ARG B 162 21.83 -36.15 -1.85
CA ARG B 162 22.54 -35.08 -1.13
C ARG B 162 23.78 -34.55 -1.85
N THR B 163 24.26 -35.27 -2.87
CA THR B 163 25.45 -34.91 -3.65
C THR B 163 25.18 -35.03 -5.13
N LEU B 164 25.96 -34.31 -5.94
CA LEU B 164 25.84 -34.32 -7.40
C LEU B 164 26.41 -35.60 -8.01
N SER B 165 27.28 -36.32 -7.26
CA SER B 165 27.88 -37.59 -7.66
C SER B 165 26.78 -38.65 -7.74
N LYS B 166 25.95 -38.73 -6.67
CA LYS B 166 24.80 -39.64 -6.55
C LYS B 166 23.74 -39.38 -7.63
N ILE B 167 23.55 -38.10 -8.02
CA ILE B 167 22.59 -37.70 -9.06
C ILE B 167 23.04 -38.26 -10.42
N GLN B 168 24.32 -38.08 -10.75
CA GLN B 168 24.90 -38.50 -12.03
C GLN B 168 25.02 -40.02 -12.14
N SER B 169 25.34 -40.71 -11.04
CA SER B 169 25.45 -42.16 -10.99
C SER B 169 24.09 -42.85 -11.12
N ASP B 170 23.01 -42.24 -10.58
CA ASP B 170 21.63 -42.77 -10.61
C ASP B 170 21.17 -43.13 -12.04
N LYS B 171 20.97 -44.43 -12.28
CA LYS B 171 20.57 -45.02 -13.57
C LYS B 171 19.12 -44.77 -13.93
N SER B 172 18.29 -44.38 -12.94
CA SER B 172 16.86 -44.15 -13.11
C SER B 172 16.48 -42.74 -13.54
N LEU B 173 17.19 -41.71 -13.05
CA LEU B 173 16.94 -40.30 -13.38
C LEU B 173 17.14 -40.03 -14.87
N ARG B 174 16.30 -39.17 -15.45
CA ARG B 174 16.39 -38.76 -16.86
C ARG B 174 16.50 -37.24 -16.93
N PHE B 175 17.64 -36.74 -17.44
CA PHE B 175 17.90 -35.31 -17.47
C PHE B 175 17.53 -34.63 -18.78
N THR B 176 17.15 -33.35 -18.66
CA THR B 176 16.77 -32.47 -19.76
C THR B 176 18.05 -32.11 -20.53
N GLN B 177 17.93 -31.70 -21.80
CA GLN B 177 19.11 -31.31 -22.61
C GLN B 177 19.91 -30.18 -21.94
N MET B 178 19.24 -29.31 -21.16
CA MET B 178 19.83 -28.21 -20.39
C MET B 178 20.64 -28.79 -19.22
N GLN B 179 20.05 -29.71 -18.41
CA GLN B 179 20.73 -30.32 -17.25
C GLN B 179 21.94 -31.15 -17.68
N LYS B 180 21.87 -31.80 -18.85
CA LYS B 180 22.97 -32.57 -19.40
C LYS B 180 24.15 -31.63 -19.70
N ALA B 181 23.87 -30.43 -20.29
CA ALA B 181 24.88 -29.39 -20.53
C ALA B 181 25.42 -28.87 -19.19
N GLY B 182 24.52 -28.57 -18.24
CA GLY B 182 24.84 -28.10 -16.90
C GLY B 182 25.78 -28.99 -16.11
N PHE B 183 25.68 -30.33 -16.26
CA PHE B 183 26.56 -31.29 -15.59
C PHE B 183 27.87 -31.48 -16.33
N LEU B 184 27.81 -31.51 -17.68
CA LEU B 184 28.95 -31.68 -18.59
C LEU B 184 29.97 -30.52 -18.50
N TYR B 185 29.50 -29.29 -18.18
CA TYR B 185 30.33 -28.07 -18.07
C TYR B 185 30.24 -27.45 -16.65
N TYR B 186 29.85 -28.26 -15.66
CA TYR B 186 29.67 -27.85 -14.27
C TYR B 186 30.85 -27.11 -13.65
N GLU B 187 32.06 -27.69 -13.72
CA GLU B 187 33.26 -27.12 -13.11
C GLU B 187 33.58 -25.76 -13.68
N ASP B 188 33.37 -25.55 -15.00
CA ASP B 188 33.56 -24.25 -15.68
C ASP B 188 32.52 -23.25 -15.27
N LEU B 189 31.25 -23.67 -15.20
CA LEU B 189 30.17 -22.74 -14.88
C LEU B 189 30.17 -22.34 -13.40
N VAL B 190 30.46 -23.30 -12.49
CA VAL B 190 30.53 -23.04 -11.04
C VAL B 190 31.71 -22.09 -10.70
N SER B 191 32.79 -22.10 -11.51
CA SER B 191 33.93 -21.20 -11.35
C SER B 191 33.67 -19.92 -12.17
N CYS B 192 33.42 -18.81 -11.45
CA CYS B 192 33.04 -17.49 -11.97
C CYS B 192 33.87 -17.01 -13.18
N VAL B 193 33.22 -16.17 -14.03
CA VAL B 193 33.77 -15.55 -15.23
C VAL B 193 34.33 -14.19 -14.85
N ASN B 194 35.61 -13.97 -15.19
CA ASN B 194 36.28 -12.73 -14.85
C ASN B 194 36.22 -11.76 -16.05
N ARG B 195 36.70 -10.52 -15.82
CA ARG B 195 36.77 -9.44 -16.78
C ARG B 195 37.50 -9.73 -18.07
N PRO B 196 38.79 -10.20 -18.05
CA PRO B 196 39.46 -10.53 -19.31
C PRO B 196 38.64 -11.51 -20.17
N GLU B 197 37.99 -12.54 -19.52
CA GLU B 197 37.14 -13.55 -20.19
C GLU B 197 35.85 -12.95 -20.75
N ALA B 198 35.19 -12.05 -19.99
CA ALA B 198 33.96 -11.35 -20.38
C ALA B 198 34.26 -10.45 -21.58
N GLU B 199 35.47 -9.83 -21.56
CA GLU B 199 35.92 -8.97 -22.64
C GLU B 199 36.24 -9.77 -23.88
N ALA B 200 36.71 -11.02 -23.69
CA ALA B 200 37.01 -11.94 -24.78
C ALA B 200 35.71 -12.46 -25.39
N VAL B 201 34.66 -12.59 -24.56
CA VAL B 201 33.32 -13.04 -25.00
C VAL B 201 32.66 -11.92 -25.79
N SER B 202 32.72 -10.70 -25.27
CA SER B 202 32.20 -9.51 -25.94
C SER B 202 32.68 -9.35 -27.35
N MET B 203 34.00 -9.45 -27.53
CA MET B 203 34.61 -9.35 -28.83
C MET B 203 34.04 -10.39 -29.78
N LEU B 204 33.97 -11.67 -29.32
CA LEU B 204 33.43 -12.82 -30.05
C LEU B 204 31.98 -12.57 -30.46
N VAL B 205 31.17 -12.02 -29.51
CA VAL B 205 29.77 -11.72 -29.75
C VAL B 205 29.71 -10.66 -30.83
N LYS B 206 30.48 -9.54 -30.66
CA LYS B 206 30.56 -8.44 -31.62
C LYS B 206 30.99 -8.91 -32.99
N GLU B 207 32.01 -9.79 -33.07
CA GLU B 207 32.51 -10.37 -34.34
C GLU B 207 31.38 -11.08 -35.11
N ALA B 208 30.66 -12.01 -34.45
CA ALA B 208 29.55 -12.77 -35.04
C ALA B 208 28.37 -11.89 -35.49
N VAL B 209 27.98 -10.89 -34.69
CA VAL B 209 26.84 -10.02 -34.96
C VAL B 209 27.10 -9.12 -36.18
N VAL B 210 28.18 -8.31 -36.18
CA VAL B 210 28.53 -7.36 -37.27
C VAL B 210 28.79 -8.07 -38.60
N THR B 211 28.96 -9.42 -38.59
CA THR B 211 29.12 -10.22 -39.80
C THR B 211 27.78 -10.25 -40.52
N PHE B 212 26.68 -10.37 -39.75
CA PHE B 212 25.31 -10.41 -40.27
C PHE B 212 24.61 -9.04 -40.28
N LEU B 213 24.90 -8.18 -39.28
CA LEU B 213 24.33 -6.83 -39.17
C LEU B 213 25.44 -5.83 -38.88
N PRO B 214 26.05 -5.20 -39.92
CA PRO B 214 27.17 -4.28 -39.68
C PRO B 214 26.87 -3.07 -38.78
N ASP B 215 25.64 -2.53 -38.87
CA ASP B 215 25.17 -1.37 -38.12
C ASP B 215 24.70 -1.69 -36.68
N ALA B 216 24.69 -2.98 -36.32
CA ALA B 216 24.22 -3.44 -35.02
C ALA B 216 25.03 -2.91 -33.84
N LEU B 217 24.29 -2.52 -32.80
CA LEU B 217 24.81 -2.03 -31.54
C LEU B 217 24.69 -3.17 -30.54
N VAL B 218 25.85 -3.65 -30.06
CA VAL B 218 25.97 -4.73 -29.09
C VAL B 218 26.45 -4.09 -27.81
N THR B 219 25.70 -4.26 -26.73
CA THR B 219 26.01 -3.69 -25.42
C THR B 219 26.07 -4.81 -24.40
N MET B 220 27.18 -4.88 -23.66
CA MET B 220 27.34 -5.84 -22.59
C MET B 220 26.54 -5.29 -21.41
N THR B 221 25.52 -6.05 -20.97
CA THR B 221 24.65 -5.64 -19.86
C THR B 221 25.04 -6.43 -18.64
N GLY B 222 24.07 -6.61 -17.72
CA GLY B 222 24.25 -7.36 -16.49
C GLY B 222 25.24 -6.77 -15.55
N GLY B 223 25.82 -7.62 -14.70
CA GLY B 223 26.78 -7.25 -13.67
C GLY B 223 28.06 -6.59 -14.15
N PHE B 224 28.56 -7.01 -15.31
CA PHE B 224 29.77 -6.44 -15.88
C PHE B 224 29.55 -4.97 -16.23
N ARG B 225 28.38 -4.60 -16.80
CA ARG B 225 28.02 -3.20 -17.04
C ARG B 225 27.86 -2.40 -15.72
N ARG B 226 27.62 -3.10 -14.60
CA ARG B 226 27.53 -2.49 -13.27
C ARG B 226 28.95 -2.33 -12.65
N GLY B 227 29.98 -2.65 -13.42
CA GLY B 227 31.37 -2.56 -13.01
C GLY B 227 31.89 -3.76 -12.25
N LYS B 228 31.12 -4.86 -12.22
CA LYS B 228 31.56 -6.07 -11.54
C LYS B 228 32.83 -6.67 -12.15
N MET B 229 33.62 -7.34 -11.32
CA MET B 229 34.84 -7.99 -11.82
C MET B 229 34.70 -9.47 -12.02
N THR B 230 33.53 -10.03 -11.61
CA THR B 230 33.19 -11.45 -11.74
C THR B 230 31.69 -11.61 -11.91
N GLY B 231 31.31 -12.70 -12.55
CA GLY B 231 29.92 -13.07 -12.75
C GLY B 231 29.73 -14.53 -13.15
N HIS B 232 28.48 -14.97 -13.20
CA HIS B 232 28.15 -16.33 -13.59
C HIS B 232 28.02 -16.40 -15.09
N ASP B 233 27.60 -15.28 -15.73
CA ASP B 233 27.37 -15.24 -17.16
C ASP B 233 27.75 -13.86 -17.68
N VAL B 234 27.82 -13.72 -19.01
CA VAL B 234 28.03 -12.44 -19.65
C VAL B 234 26.74 -12.19 -20.39
N ASP B 235 26.10 -11.02 -20.16
CA ASP B 235 24.83 -10.71 -20.81
C ASP B 235 25.02 -9.67 -21.89
N PHE B 236 24.29 -9.80 -22.99
CA PHE B 236 24.38 -8.85 -24.10
C PHE B 236 23.02 -8.38 -24.59
N LEU B 237 23.00 -7.13 -25.07
CA LEU B 237 21.84 -6.52 -25.67
C LEU B 237 22.24 -6.17 -27.09
N ILE B 238 21.54 -6.76 -28.06
CA ILE B 238 21.77 -6.52 -29.47
C ILE B 238 20.54 -5.82 -30.04
N THR B 239 20.80 -4.73 -30.77
CA THR B 239 19.78 -3.96 -31.47
C THR B 239 20.37 -3.42 -32.77
N SER B 240 19.52 -3.27 -33.79
CA SER B 240 19.97 -2.75 -35.07
C SER B 240 19.00 -1.73 -35.64
N PRO B 241 19.45 -0.46 -35.83
CA PRO B 241 18.54 0.55 -36.41
C PRO B 241 18.07 0.26 -37.84
N GLU B 242 19.00 -0.15 -38.73
CA GLU B 242 18.75 -0.40 -40.17
C GLU B 242 18.19 -1.78 -40.52
N ALA B 243 18.00 -2.67 -39.53
CA ALA B 243 17.53 -4.02 -39.77
C ALA B 243 16.06 -4.13 -40.13
N THR B 244 15.74 -5.08 -41.02
CA THR B 244 14.36 -5.41 -41.42
C THR B 244 13.77 -6.31 -40.33
N GLU B 245 12.44 -6.49 -40.29
CA GLU B 245 11.77 -7.35 -39.30
C GLU B 245 12.22 -8.81 -39.39
N ASP B 246 12.49 -9.29 -40.62
CA ASP B 246 12.99 -10.64 -40.89
C ASP B 246 14.44 -10.77 -40.45
N GLU B 247 15.24 -9.69 -40.63
CA GLU B 247 16.65 -9.63 -40.23
C GLU B 247 16.82 -9.68 -38.71
N GLU B 248 15.90 -9.05 -37.94
CA GLU B 248 15.92 -9.04 -36.47
C GLU B 248 15.62 -10.43 -35.91
N GLN B 249 14.62 -11.12 -36.47
CA GLN B 249 14.21 -12.46 -36.06
C GLN B 249 15.21 -13.55 -36.40
N GLN B 250 15.86 -13.44 -37.57
CA GLN B 250 16.80 -14.45 -38.05
C GLN B 250 18.24 -14.28 -37.54
N LEU B 251 18.57 -13.18 -36.81
CA LEU B 251 19.93 -12.92 -36.32
C LEU B 251 20.47 -13.94 -35.31
N LEU B 252 19.72 -14.24 -34.22
CA LEU B 252 20.22 -15.19 -33.22
C LEU B 252 20.44 -16.58 -33.81
N HIS B 253 19.72 -16.93 -34.89
CA HIS B 253 19.86 -18.22 -35.58
C HIS B 253 21.11 -18.23 -36.45
N LYS B 254 21.39 -17.10 -37.14
CA LYS B 254 22.57 -16.90 -38.00
C LYS B 254 23.86 -16.95 -37.18
N VAL B 255 23.86 -16.29 -36.01
CA VAL B 255 24.99 -16.18 -35.06
C VAL B 255 25.29 -17.52 -34.35
N THR B 256 24.25 -18.24 -33.90
CA THR B 256 24.40 -19.53 -33.21
C THR B 256 24.85 -20.64 -34.17
N ASP B 257 24.37 -20.61 -35.44
CA ASP B 257 24.76 -21.62 -36.43
C ASP B 257 26.19 -21.39 -36.89
N PHE B 258 26.61 -20.11 -36.91
CA PHE B 258 27.96 -19.66 -37.24
C PHE B 258 28.93 -20.22 -36.20
N TRP B 259 28.56 -20.14 -34.90
CA TRP B 259 29.36 -20.65 -33.81
C TRP B 259 29.39 -22.16 -33.80
N LYS B 260 28.25 -22.80 -34.20
CA LYS B 260 28.09 -24.25 -34.31
C LYS B 260 29.05 -24.80 -35.37
N GLN B 261 29.18 -24.11 -36.53
CA GLN B 261 30.07 -24.47 -37.63
C GLN B 261 31.54 -24.33 -37.23
N GLN B 262 31.84 -23.38 -36.34
CA GLN B 262 33.19 -23.11 -35.86
C GLN B 262 33.59 -23.97 -34.65
N GLY B 263 32.66 -24.84 -34.20
CA GLY B 263 32.83 -25.72 -33.06
C GLY B 263 32.91 -25.01 -31.72
N LEU B 264 32.22 -23.85 -31.60
CA LEU B 264 32.21 -22.99 -30.40
C LEU B 264 30.93 -23.08 -29.59
N LEU B 265 29.84 -23.53 -30.21
CA LEU B 265 28.55 -23.63 -29.54
C LEU B 265 28.47 -24.94 -28.76
N LEU B 266 28.37 -24.84 -27.43
CA LEU B 266 28.31 -26.02 -26.55
C LEU B 266 26.88 -26.37 -26.12
N TYR B 267 26.04 -25.34 -25.94
CA TYR B 267 24.62 -25.41 -25.61
C TYR B 267 23.96 -24.22 -26.26
N CYS B 268 22.70 -24.37 -26.66
CA CYS B 268 21.91 -23.32 -27.27
C CYS B 268 20.41 -23.54 -27.09
N ASP B 269 19.71 -22.46 -26.74
CA ASP B 269 18.28 -22.45 -26.57
C ASP B 269 17.77 -21.08 -27.02
N ILE B 270 17.10 -21.01 -28.20
CA ILE B 270 16.57 -19.74 -28.70
C ILE B 270 15.07 -19.63 -28.40
N LEU B 271 14.70 -18.68 -27.56
CA LEU B 271 13.32 -18.40 -27.19
C LEU B 271 12.81 -17.33 -28.16
N GLU B 272 11.73 -17.64 -28.90
CA GLU B 272 11.14 -16.71 -29.86
C GLU B 272 10.40 -15.58 -29.18
N SER B 273 10.39 -14.42 -29.85
CA SER B 273 9.70 -13.20 -29.41
C SER B 273 8.18 -13.48 -29.23
N THR B 274 7.68 -13.15 -28.04
CA THR B 274 6.30 -13.42 -27.71
C THR B 274 5.69 -12.13 -27.40
N PHE B 275 6.14 -11.11 -28.12
CA PHE B 275 5.78 -9.74 -27.83
C PHE B 275 4.24 -9.43 -28.03
N GLU B 276 3.38 -10.18 -27.32
CA GLU B 276 1.93 -10.01 -27.20
C GLU B 276 1.87 -9.49 -25.76
N LYS B 277 2.22 -8.21 -25.65
CA LYS B 277 2.38 -7.42 -24.43
C LYS B 277 1.06 -7.09 -23.68
N PHE B 278 0.62 -8.03 -22.82
CA PHE B 278 -0.57 -7.95 -21.98
C PHE B 278 -0.33 -8.65 -20.66
N LYS B 279 -0.45 -7.88 -19.56
CA LYS B 279 -0.21 -8.29 -18.18
C LYS B 279 -1.22 -9.32 -17.66
N GLN B 280 -0.83 -9.99 -16.54
CA GLN B 280 -1.54 -11.05 -15.81
C GLN B 280 -0.51 -11.96 -15.12
N ALA B 287 9.31 -15.82 -14.70
CA ALA B 287 8.71 -14.66 -15.36
C ALA B 287 9.76 -13.88 -16.19
N LEU B 288 9.70 -13.96 -17.53
CA LEU B 288 10.68 -13.27 -18.36
C LEU B 288 10.07 -12.17 -19.26
N ASP B 289 10.91 -11.45 -20.01
CA ASP B 289 10.41 -10.46 -20.95
C ASP B 289 9.99 -11.15 -22.31
N HIS B 290 9.33 -10.39 -23.21
CA HIS B 290 8.84 -10.87 -24.49
C HIS B 290 9.89 -10.82 -25.62
N PHE B 291 11.08 -10.23 -25.38
CA PHE B 291 12.11 -10.13 -26.41
C PHE B 291 12.64 -11.46 -26.86
N GLN B 292 13.06 -11.55 -28.15
CA GLN B 292 13.70 -12.76 -28.64
C GLN B 292 15.02 -12.84 -27.91
N LYS B 293 15.35 -14.01 -27.33
CA LYS B 293 16.57 -14.20 -26.56
C LYS B 293 17.15 -15.59 -26.65
N CYS B 294 18.44 -15.76 -26.30
CA CYS B 294 19.04 -17.10 -26.29
C CYS B 294 20.02 -17.28 -25.17
N PHE B 295 19.94 -18.45 -24.50
CA PHE B 295 20.81 -18.86 -23.41
C PHE B 295 21.80 -19.89 -23.96
N LEU B 296 23.07 -19.54 -23.94
CA LEU B 296 24.12 -20.38 -24.52
C LEU B 296 25.22 -20.72 -23.55
N ILE B 297 26.01 -21.71 -23.95
CA ILE B 297 27.25 -22.08 -23.35
C ILE B 297 28.19 -22.00 -24.55
N LEU B 298 29.15 -21.06 -24.48
CA LEU B 298 30.16 -20.86 -25.50
C LEU B 298 31.48 -21.47 -25.06
N LYS B 299 32.28 -21.91 -26.07
CA LYS B 299 33.63 -22.48 -25.94
C LYS B 299 34.60 -21.29 -26.06
N LEU B 300 35.16 -20.82 -24.92
CA LEU B 300 36.11 -19.73 -24.97
C LEU B 300 37.54 -20.26 -24.97
N ASP B 301 38.22 -20.19 -26.12
CA ASP B 301 39.61 -20.64 -26.26
C ASP B 301 40.50 -19.72 -25.41
N HIS B 302 41.39 -20.34 -24.60
CA HIS B 302 42.30 -19.61 -23.71
C HIS B 302 43.15 -18.55 -24.42
N GLY B 303 43.42 -18.78 -25.71
CA GLY B 303 44.20 -17.89 -26.55
C GLY B 303 43.57 -16.54 -26.84
N ARG B 304 42.27 -16.39 -26.52
CA ARG B 304 41.51 -15.15 -26.73
C ARG B 304 41.59 -14.22 -25.50
N VAL B 305 42.11 -14.75 -24.38
CA VAL B 305 42.21 -14.01 -23.12
C VAL B 305 43.68 -14.06 -22.57
N HIS B 306 44.46 -15.08 -22.96
CA HIS B 306 45.85 -15.32 -22.55
C HIS B 306 46.63 -15.95 -23.72
N GLU B 314 47.22 -23.90 -20.19
CA GLU B 314 46.02 -24.45 -19.59
C GLU B 314 45.73 -25.83 -20.14
N GLY B 315 45.15 -26.68 -19.30
CA GLY B 315 44.88 -28.09 -19.59
C GLY B 315 43.97 -28.42 -20.73
N LYS B 316 42.72 -27.88 -20.72
CA LYS B 316 41.71 -28.23 -21.71
C LYS B 316 42.07 -27.92 -23.20
N GLY B 317 42.43 -26.69 -23.60
CA GLY B 317 42.51 -25.46 -22.84
C GLY B 317 41.50 -24.50 -23.43
N TRP B 318 40.27 -24.47 -22.85
CA TRP B 318 39.21 -23.56 -23.19
C TRP B 318 38.34 -23.57 -22.00
N LYS B 319 37.38 -22.67 -21.95
CA LYS B 319 36.50 -22.60 -20.81
C LYS B 319 35.10 -22.50 -21.34
N ALA B 320 34.17 -23.17 -20.66
CA ALA B 320 32.76 -23.08 -21.00
C ALA B 320 32.24 -21.81 -20.32
N ILE B 321 31.61 -20.92 -21.11
CA ILE B 321 31.09 -19.67 -20.58
C ILE B 321 29.63 -19.51 -20.92
N ARG B 322 28.80 -19.23 -19.91
CA ARG B 322 27.36 -18.99 -20.05
C ARG B 322 27.16 -17.59 -20.58
N VAL B 323 26.49 -17.46 -21.74
CA VAL B 323 26.24 -16.16 -22.40
C VAL B 323 24.75 -15.99 -22.70
N ASP B 324 24.19 -14.81 -22.34
CA ASP B 324 22.78 -14.46 -22.65
C ASP B 324 22.72 -13.36 -23.74
N LEU B 325 22.15 -13.68 -24.92
CA LEU B 325 21.99 -12.70 -25.99
C LEU B 325 20.52 -12.30 -26.04
N VAL B 326 20.26 -11.00 -26.09
CA VAL B 326 18.90 -10.47 -26.18
C VAL B 326 18.86 -9.60 -27.42
N MET B 327 18.02 -9.98 -28.36
CA MET B 327 17.76 -9.24 -29.58
C MET B 327 16.54 -8.36 -29.31
N CYS B 328 16.66 -7.04 -29.46
CA CYS B 328 15.50 -6.21 -29.21
C CYS B 328 15.23 -5.17 -30.33
N PRO B 329 13.94 -4.74 -30.55
CA PRO B 329 13.69 -3.68 -31.54
C PRO B 329 14.32 -2.35 -31.09
N TYR B 330 14.87 -1.59 -32.03
CA TYR B 330 15.55 -0.33 -31.81
C TYR B 330 14.78 0.68 -30.97
N ASP B 331 13.47 0.84 -31.23
CA ASP B 331 12.60 1.80 -30.52
C ASP B 331 12.43 1.50 -29.00
N ARG B 332 12.66 0.24 -28.58
CA ARG B 332 12.50 -0.18 -27.18
C ARG B 332 13.85 -0.40 -26.45
N ARG B 333 14.98 -0.04 -27.12
CA ARG B 333 16.37 -0.16 -26.62
C ARG B 333 16.56 0.33 -25.17
N ALA B 334 16.18 1.61 -24.90
CA ALA B 334 16.29 2.28 -23.58
C ALA B 334 15.74 1.44 -22.42
N PHE B 335 14.56 0.83 -22.65
CA PHE B 335 13.84 -0.02 -21.69
C PHE B 335 14.51 -1.39 -21.46
N ALA B 336 14.95 -2.05 -22.56
CA ALA B 336 15.66 -3.33 -22.52
C ALA B 336 17.02 -3.16 -21.82
N LEU B 337 17.77 -2.08 -22.14
CA LEU B 337 19.06 -1.77 -21.49
C LEU B 337 18.86 -1.49 -19.99
N LEU B 338 17.79 -0.78 -19.60
CA LEU B 338 17.52 -0.51 -18.20
C LEU B 338 17.15 -1.79 -17.46
N GLY B 339 16.42 -2.68 -18.13
CA GLY B 339 15.99 -3.94 -17.55
C GLY B 339 17.07 -5.00 -17.41
N TRP B 340 17.94 -5.13 -18.41
CA TRP B 340 18.99 -6.14 -18.44
C TRP B 340 20.26 -5.77 -17.73
N THR B 341 20.35 -4.52 -17.25
CA THR B 341 21.56 -4.10 -16.53
C THR B 341 21.49 -4.59 -15.08
N GLY B 342 20.32 -4.48 -14.48
CA GLY B 342 20.18 -4.85 -13.08
C GLY B 342 20.66 -3.76 -12.16
N SER B 343 20.93 -4.08 -10.89
CA SER B 343 20.78 -5.42 -10.33
C SER B 343 19.29 -5.80 -10.19
N ARG B 344 19.02 -7.07 -9.86
CA ARG B 344 17.68 -7.58 -9.58
C ARG B 344 16.94 -6.71 -8.54
N GLN B 345 17.61 -6.28 -7.46
CA GLN B 345 16.93 -5.47 -6.46
C GLN B 345 16.60 -4.10 -6.97
N PHE B 346 17.50 -3.53 -7.80
CA PHE B 346 17.32 -2.22 -8.42
C PHE B 346 16.06 -2.21 -9.31
N GLU B 347 15.87 -3.24 -10.15
CA GLU B 347 14.70 -3.40 -11.01
C GLU B 347 13.47 -3.53 -10.20
N ARG B 348 13.43 -4.52 -9.29
CA ARG B 348 12.28 -4.79 -8.44
C ARG B 348 11.78 -3.49 -7.90
N ASP B 349 12.68 -2.62 -7.43
CA ASP B 349 12.30 -1.33 -6.83
C ASP B 349 11.91 -0.30 -7.84
N LEU B 350 12.48 -0.34 -9.05
CA LEU B 350 12.10 0.59 -10.12
C LEU B 350 10.62 0.33 -10.42
N ARG B 351 10.25 -0.97 -10.53
CA ARG B 351 8.90 -1.42 -10.80
C ARG B 351 7.96 -1.10 -9.61
N ARG B 352 8.44 -1.26 -8.37
CA ARG B 352 7.72 -1.01 -7.13
C ARG B 352 7.40 0.48 -6.98
N TYR B 353 8.43 1.34 -7.16
CA TYR B 353 8.33 2.79 -7.08
C TYR B 353 7.35 3.29 -8.15
N ALA B 354 7.45 2.79 -9.40
CA ALA B 354 6.58 3.19 -10.50
C ALA B 354 5.11 2.91 -10.19
N THR B 355 4.79 1.70 -9.63
CA THR B 355 3.39 1.39 -9.35
C THR B 355 2.88 2.07 -8.07
N HIS B 356 3.63 2.07 -6.97
CA HIS B 356 3.18 2.65 -5.71
C HIS B 356 3.29 4.18 -5.59
N GLU B 357 4.35 4.77 -6.13
CA GLU B 357 4.53 6.21 -5.99
C GLU B 357 4.18 6.98 -7.22
N ARG B 358 3.74 6.27 -8.23
CA ARG B 358 3.56 6.83 -9.55
C ARG B 358 2.30 6.46 -10.24
N LYS B 359 1.74 5.27 -9.88
CA LYS B 359 0.61 4.68 -10.58
C LYS B 359 0.98 4.56 -12.07
N MET B 360 2.18 4.00 -12.32
CA MET B 360 2.77 3.74 -13.63
C MET B 360 3.21 2.30 -13.69
N MET B 361 3.37 1.77 -14.89
CA MET B 361 3.77 0.38 -15.09
C MET B 361 5.04 0.34 -15.87
N LEU B 362 6.13 -0.08 -15.20
CA LEU B 362 7.44 -0.17 -15.83
C LEU B 362 7.77 -1.60 -16.18
N ASP B 363 8.15 -1.80 -17.43
CA ASP B 363 8.46 -3.10 -18.00
C ASP B 363 9.85 -3.06 -18.61
N ASN B 364 10.32 -4.23 -19.09
CA ASN B 364 11.53 -4.26 -19.89
C ASN B 364 11.28 -3.74 -21.29
N HIS B 365 10.00 -3.51 -21.63
CA HIS B 365 9.55 -3.10 -22.95
C HIS B 365 9.07 -1.69 -23.02
N ALA B 366 8.40 -1.20 -21.96
CA ALA B 366 7.81 0.14 -21.95
C ALA B 366 7.49 0.63 -20.56
N LEU B 367 7.15 1.92 -20.48
CA LEU B 367 6.68 2.61 -19.29
C LEU B 367 5.27 3.18 -19.60
N TYR B 368 4.28 2.77 -18.83
CA TYR B 368 2.91 3.17 -19.07
C TYR B 368 2.30 3.95 -17.90
N ASP B 369 1.58 5.01 -18.20
CA ASP B 369 0.85 5.76 -17.19
C ASP B 369 -0.60 5.24 -17.13
N ARG B 370 -0.96 4.53 -16.05
CA ARG B 370 -2.28 3.94 -15.81
C ARG B 370 -3.48 4.92 -15.82
N THR B 371 -3.37 6.12 -15.19
CA THR B 371 -4.50 7.06 -15.08
C THR B 371 -4.58 8.03 -16.28
N LYS B 372 -3.42 8.38 -16.88
CA LYS B 372 -3.41 9.21 -18.09
C LYS B 372 -3.64 8.36 -19.35
N ARG B 373 -3.55 7.00 -19.22
CA ARG B 373 -3.73 5.96 -20.26
C ARG B 373 -2.77 6.22 -21.44
N VAL B 374 -1.50 6.51 -21.12
CA VAL B 374 -0.49 6.88 -22.10
C VAL B 374 0.85 6.19 -21.90
N PHE B 375 1.54 5.84 -22.99
CA PHE B 375 2.87 5.26 -22.97
C PHE B 375 3.88 6.37 -23.03
N LEU B 376 4.82 6.35 -22.08
CA LEU B 376 5.85 7.39 -22.06
C LEU B 376 7.03 6.91 -22.90
N GLU B 377 7.48 7.75 -23.83
CA GLU B 377 8.54 7.37 -24.75
C GLU B 377 9.89 7.81 -24.27
N ALA B 378 10.92 6.98 -24.50
CA ALA B 378 12.28 7.31 -24.09
C ALA B 378 13.29 6.82 -25.12
N GLU B 379 14.34 7.61 -25.32
CA GLU B 379 15.41 7.25 -26.24
C GLU B 379 16.68 6.89 -25.44
N SER B 380 16.66 7.12 -24.12
CA SER B 380 17.77 6.82 -23.22
C SER B 380 17.25 6.44 -21.83
N GLU B 381 18.11 5.80 -21.00
CA GLU B 381 17.79 5.40 -19.63
C GLU B 381 17.49 6.65 -18.79
N GLU B 382 18.19 7.76 -19.12
CA GLU B 382 18.06 9.08 -18.49
C GLU B 382 16.66 9.62 -18.62
N GLU B 383 16.01 9.39 -19.77
CA GLU B 383 14.63 9.82 -20.02
C GLU B 383 13.62 9.03 -19.19
N ILE B 384 13.85 7.72 -18.98
CA ILE B 384 13.00 6.84 -18.15
C ILE B 384 13.02 7.34 -16.69
N PHE B 385 14.23 7.62 -16.15
CA PHE B 385 14.41 8.15 -14.80
C PHE B 385 13.67 9.48 -14.67
N ALA B 386 13.79 10.35 -15.69
CA ALA B 386 13.15 11.66 -15.76
C ALA B 386 11.62 11.54 -15.69
N HIS B 387 11.04 10.60 -16.47
CA HIS B 387 9.61 10.33 -16.50
C HIS B 387 9.10 9.85 -15.15
N LEU B 388 9.90 9.02 -14.48
CA LEU B 388 9.57 8.46 -13.17
C LEU B 388 9.69 9.48 -12.05
N GLY B 389 10.41 10.58 -12.28
CA GLY B 389 10.63 11.62 -11.30
C GLY B 389 11.81 11.32 -10.40
N LEU B 390 12.74 10.48 -10.90
CA LEU B 390 13.96 10.03 -10.22
C LEU B 390 15.19 10.72 -10.71
N ASP B 391 16.21 10.81 -9.84
CA ASP B 391 17.52 11.34 -10.24
C ASP B 391 18.21 10.22 -11.00
N TYR B 392 19.00 10.52 -12.03
CA TYR B 392 19.66 9.47 -12.79
C TYR B 392 20.69 8.71 -11.96
N ILE B 393 20.66 7.37 -12.05
CA ILE B 393 21.58 6.50 -11.32
C ILE B 393 22.46 5.79 -12.36
N GLU B 394 23.79 6.03 -12.33
CA GLU B 394 24.74 5.45 -13.27
C GLU B 394 24.84 3.92 -13.12
N PRO B 395 25.15 3.14 -14.18
CA PRO B 395 25.13 1.67 -14.05
C PRO B 395 25.95 1.03 -12.93
N TRP B 396 27.09 1.62 -12.57
CA TRP B 396 27.94 1.13 -11.49
C TRP B 396 27.43 1.56 -10.10
N GLU B 397 26.30 2.31 -10.07
CA GLU B 397 25.65 2.79 -8.84
C GLU B 397 24.31 2.05 -8.64
N ARG B 398 24.06 1.00 -9.43
CA ARG B 398 22.81 0.22 -9.34
C ARG B 398 23.07 -1.18 -8.77
N ASN B 399 24.09 -1.30 -7.91
CA ASN B 399 24.50 -2.59 -7.37
C ASN B 399 23.78 -2.99 -6.10
N ALA B 400 22.46 -2.68 -6.07
CA ALA B 400 21.58 -3.02 -4.95
C ALA B 400 21.25 -4.51 -4.98
MG MG G . -25.31 12.97 13.94
NA NA H . -17.43 13.38 24.55
S SO4 I . -31.40 3.08 13.77
O1 SO4 I . -31.56 2.74 15.19
O2 SO4 I . -31.16 4.51 13.69
O3 SO4 I . -30.24 2.38 13.22
O4 SO4 I . -32.60 2.73 12.99
S SO4 J . 2.12 11.73 -9.62
O1 SO4 J . 2.83 13.01 -9.43
O2 SO4 J . 0.67 12.02 -9.74
O3 SO4 J . 2.37 10.88 -8.45
O4 SO4 J . 2.60 11.05 -10.84
MG MG K . 24.79 -11.90 -15.34
NA NA L . 19.79 -23.18 -11.46
S SO4 M . 23.89 -10.05 -13.07
O1 SO4 M . 25.02 -9.87 -12.13
O2 SO4 M . 22.91 -8.97 -12.93
O3 SO4 M . 23.25 -11.31 -12.73
O4 SO4 M . 24.42 -10.12 -14.43
S SO4 N . 33.24 -8.37 -7.95
O1 SO4 N . 32.32 -8.80 -6.91
O2 SO4 N . 33.23 -6.90 -8.07
O3 SO4 N . 34.58 -8.89 -7.65
O4 SO4 N . 32.79 -8.94 -9.19
S SO4 O . 40.51 -28.41 -17.49
O1 SO4 O . 41.22 -28.59 -16.20
O2 SO4 O . 39.08 -28.28 -17.23
O3 SO4 O . 40.75 -29.57 -18.36
O4 SO4 O . 41.02 -27.20 -18.13
S SO4 P . 6.05 -15.39 4.01
O1 SO4 P . 5.04 -15.98 4.88
O2 SO4 P . 5.92 -13.95 4.06
O3 SO4 P . 7.38 -15.77 4.48
O4 SO4 P . 5.83 -15.86 2.64
S SO4 Q . -23.94 10.47 12.28
O1 SO4 Q . -22.97 10.82 13.34
O2 SO4 Q . -24.99 11.51 12.23
O3 SO4 Q . -23.24 10.34 11.00
O4 SO4 Q . -24.51 9.14 12.63
S SO4 R . -14.62 10.37 15.77
O1 SO4 R . -14.19 9.60 16.93
O2 SO4 R . -15.34 11.57 16.22
O3 SO4 R . -13.44 10.75 15.00
O4 SO4 R . -15.51 9.55 14.95
#